data_3UA5
#
_entry.id   3UA5
#
_cell.length_a   58.000
_cell.length_b   78.300
_cell.length_c   247.340
_cell.angle_alpha   90.00
_cell.angle_beta   90.00
_cell.angle_gamma   90.00
#
_symmetry.space_group_name_H-M   'P 21 21 21'
#
loop_
_entity.id
_entity.type
_entity.pdbx_description
1 polymer 'Cytochrome P450 2B6'
2 non-polymer 'PROTOPORPHYRIN IX CONTAINING FE'
3 non-polymer Amlodipine
4 water water
#
_entity_poly.entity_id   1
_entity_poly.type   'polypeptide(L)'
_entity_poly.pdbx_seq_one_letter_code
;MAKKTSSKGKLPPGPRPLPLLGNLLQMDRRGLLKSFLRFREKYGDVFTVHLGPRPVVMLCGVEAIREALVDKAEAFSGRG
KIAMVDPFFRGYGVIFANGNRWKVLRRFSVTTMRDFGMGKRSVEERIQEEAQCLIEELRKSKGALMDPTFLFQSITANII
CSIVFGKRFHYQDQEFLKMLNLFYQTFSLISSVFGQLFELFSGFLKHFPGAHRQVYKNLQEINAYIGHSVEKHRETLDPS
APRDLIDTYLLHMEKEKSNAHSEFSHQNLNLNTLSLFFAGTETTSTTLRYGFLLMLKYPHVAERVYREIEQVIGPHRPPE
LHDRAKMPYTEAVIYEIQRFSDLLPMGVPHIVTQHTSFRGYIIPKDTEVFLILSTALHDPHYFEKPDAFNPDHFLDANGA
LKKTEAFIPFSLGKRICLGEGIARAELFLFFTTILQNFSMASPVAPEDIDLTPQECGVGKIPPTYQIRFLPRHHHH
;
_entity_poly.pdbx_strand_id   A,B
#
loop_
_chem_comp.id
_chem_comp.type
_chem_comp.name
_chem_comp.formula
06X non-polymer Amlodipine 'C20 H25 Cl N2 O5'
HEM non-polymer 'PROTOPORPHYRIN IX CONTAINING FE' 'C34 H32 Fe N4 O4'
#
# COMPACT_ATOMS: atom_id res chain seq x y z
N GLY A 9 -4.23 -43.13 14.67
CA GLY A 9 -4.55 -42.65 16.00
C GLY A 9 -4.96 -41.19 16.00
N LYS A 10 -4.22 -40.39 16.74
CA LYS A 10 -4.46 -38.96 16.85
C LYS A 10 -3.19 -38.12 17.06
N LEU A 11 -3.39 -36.81 17.13
CA LEU A 11 -2.29 -35.88 17.33
C LEU A 11 -1.21 -36.49 18.22
N PRO A 12 0.04 -36.30 17.84
CA PRO A 12 1.12 -36.94 18.54
C PRO A 12 1.03 -36.53 19.96
N PRO A 13 1.71 -37.26 20.81
CA PRO A 13 1.55 -37.06 22.24
C PRO A 13 2.25 -35.81 22.68
N GLY A 14 2.12 -35.45 23.95
CA GLY A 14 2.77 -34.26 24.49
C GLY A 14 2.12 -33.69 25.74
N PRO A 15 2.79 -32.72 26.37
CA PRO A 15 2.42 -32.19 27.67
C PRO A 15 0.99 -31.72 27.72
N ARG A 16 0.37 -31.95 28.89
CA ARG A 16 -1.03 -31.64 29.11
C ARG A 16 -1.22 -30.13 28.99
N PRO A 17 -2.00 -29.68 28.03
CA PRO A 17 -2.27 -28.26 27.84
C PRO A 17 -3.29 -27.63 28.81
N LEU A 18 -3.35 -26.31 28.92
CA LEU A 18 -4.45 -25.64 29.61
C LEU A 18 -5.40 -25.19 28.56
N PRO A 19 -6.38 -24.40 28.92
CA PRO A 19 -7.43 -24.06 27.97
C PRO A 19 -7.11 -23.05 26.90
N LEU A 20 -6.58 -21.89 27.25
CA LEU A 20 -6.14 -21.02 26.20
C LEU A 20 -4.74 -20.61 26.46
N LEU A 21 -4.08 -21.29 27.36
CA LEU A 21 -2.67 -21.07 27.49
C LEU A 21 -1.88 -22.15 26.74
N GLY A 22 -2.56 -23.25 26.37
CA GLY A 22 -1.88 -24.41 25.83
C GLY A 22 -0.71 -24.79 26.74
N ASN A 23 0.46 -25.05 26.17
CA ASN A 23 1.53 -25.59 26.98
C ASN A 23 2.49 -24.52 27.45
N LEU A 24 2.01 -23.29 27.43
CA LEU A 24 2.83 -22.14 27.59
C LEU A 24 3.44 -21.91 28.94
N LEU A 25 2.78 -22.41 29.98
CA LEU A 25 3.32 -22.23 31.30
C LEU A 25 4.37 -23.28 31.62
N GLN A 26 4.45 -24.29 30.76
CA GLN A 26 5.40 -25.36 30.93
C GLN A 26 6.71 -25.10 30.22
N MET A 27 6.81 -24.02 29.43
CA MET A 27 8.01 -23.77 28.64
C MET A 27 9.19 -23.42 29.56
N ASP A 28 10.38 -23.23 29.00
CA ASP A 28 11.56 -22.90 29.83
C ASP A 28 11.86 -21.40 29.81
N ARG A 29 12.79 -20.90 30.61
CA ARG A 29 13.04 -19.46 30.56
C ARG A 29 14.51 -19.08 30.34
N ARG A 30 14.85 -18.50 29.19
CA ARG A 30 13.99 -18.30 28.06
C ARG A 30 14.52 -19.12 26.89
N GLY A 31 14.82 -20.36 27.14
CA GLY A 31 15.29 -21.28 26.12
C GLY A 31 14.16 -22.03 25.45
N LEU A 32 13.36 -21.27 24.71
CA LEU A 32 12.24 -21.81 23.95
C LEU A 32 12.66 -23.08 23.22
N LEU A 33 13.62 -22.98 22.32
CA LEU A 33 14.09 -24.15 21.66
C LEU A 33 14.46 -25.12 22.75
N LYS A 34 15.01 -24.62 23.83
CA LYS A 34 15.46 -25.49 24.90
C LYS A 34 14.32 -26.17 25.57
N SER A 35 13.16 -25.58 25.45
CA SER A 35 11.93 -26.18 25.91
C SER A 35 11.62 -27.34 24.99
N PHE A 36 11.50 -27.02 23.71
CA PHE A 36 11.24 -28.03 22.70
C PHE A 36 12.10 -29.26 22.86
N LEU A 37 13.37 -29.04 23.24
CA LEU A 37 14.28 -30.14 23.47
C LEU A 37 13.97 -30.94 24.73
N ARG A 38 13.39 -30.30 25.73
CA ARG A 38 13.01 -31.04 26.91
C ARG A 38 11.81 -31.92 26.61
N PHE A 39 10.88 -31.40 25.84
CA PHE A 39 9.78 -32.21 25.36
C PHE A 39 10.33 -33.37 24.56
N ARG A 40 11.33 -33.13 23.70
CA ARG A 40 11.87 -34.22 22.89
C ARG A 40 12.31 -35.41 23.72
N GLU A 41 13.04 -35.13 24.80
CA GLU A 41 13.58 -36.20 25.62
C GLU A 41 12.50 -37.02 26.33
N LYS A 42 11.30 -36.44 26.43
CA LYS A 42 10.18 -37.08 27.10
C LYS A 42 9.22 -37.75 26.13
N TYR A 43 9.14 -37.25 24.89
CA TYR A 43 8.05 -37.67 24.04
C TYR A 43 8.50 -38.28 22.76
N GLY A 44 9.77 -38.13 22.44
CA GLY A 44 10.25 -38.63 21.16
C GLY A 44 10.48 -37.54 20.16
N ASP A 45 10.63 -37.92 18.90
CA ASP A 45 10.89 -36.98 17.86
C ASP A 45 9.61 -36.49 17.24
N VAL A 46 8.47 -36.97 17.71
CA VAL A 46 7.23 -36.56 17.10
C VAL A 46 6.20 -36.17 18.14
N PHE A 47 6.36 -35.01 18.78
CA PHE A 47 5.41 -34.55 19.80
C PHE A 47 4.54 -33.38 19.37
N THR A 48 3.50 -33.07 20.15
CA THR A 48 2.62 -31.91 19.94
C THR A 48 2.70 -30.92 21.08
N VAL A 49 2.90 -29.65 20.77
CA VAL A 49 2.97 -28.62 21.79
C VAL A 49 1.88 -27.65 21.54
N HIS A 50 1.13 -27.29 22.59
CA HIS A 50 0.10 -26.26 22.46
C HIS A 50 0.61 -24.81 22.69
N LEU A 51 1.11 -24.19 21.63
CA LEU A 51 1.50 -22.79 21.71
C LEU A 51 0.25 -21.93 21.70
N GLY A 52 -0.14 -21.49 22.88
CA GLY A 52 -1.42 -20.84 23.06
C GLY A 52 -2.55 -21.79 22.75
N PRO A 53 -3.63 -21.26 22.15
CA PRO A 53 -4.77 -22.11 21.88
C PRO A 53 -4.52 -23.06 20.72
N ARG A 54 -3.45 -22.81 19.96
CA ARG A 54 -3.16 -23.57 18.76
C ARG A 54 -2.23 -24.76 18.99
N PRO A 55 -2.60 -25.88 18.37
CA PRO A 55 -1.80 -27.11 18.37
C PRO A 55 -0.76 -27.05 17.28
N VAL A 56 0.52 -27.20 17.66
CA VAL A 56 1.65 -27.25 16.71
C VAL A 56 2.48 -28.54 16.82
N VAL A 57 2.52 -29.34 15.78
CA VAL A 57 3.33 -30.55 15.77
C VAL A 57 4.80 -30.23 15.47
N MET A 58 5.71 -30.70 16.33
CA MET A 58 7.17 -30.57 16.15
C MET A 58 7.77 -31.86 15.63
N LEU A 59 8.77 -31.79 14.74
CA LEU A 59 9.46 -32.99 14.24
C LEU A 59 10.97 -32.92 14.33
N CYS A 60 11.60 -33.93 14.91
CA CYS A 60 13.04 -33.92 15.14
C CYS A 60 13.80 -35.05 14.47
N GLY A 61 15.08 -34.81 14.24
CA GLY A 61 15.96 -35.78 13.60
C GLY A 61 15.76 -35.77 12.10
N VAL A 62 16.80 -36.20 11.42
CA VAL A 62 16.81 -36.23 9.96
C VAL A 62 15.70 -37.10 9.37
N GLU A 63 15.52 -38.26 9.97
CA GLU A 63 14.59 -39.23 9.45
C GLU A 63 13.24 -38.60 9.40
N ALA A 64 12.91 -37.92 10.51
CA ALA A 64 11.56 -37.42 10.69
C ALA A 64 11.30 -36.30 9.71
N ILE A 65 12.18 -35.31 9.76
CA ILE A 65 12.09 -34.19 8.86
C ILE A 65 12.01 -34.69 7.41
N ARG A 66 12.81 -35.68 7.07
CA ARG A 66 12.85 -36.11 5.69
C ARG A 66 11.61 -36.89 5.36
N GLU A 67 11.10 -37.64 6.31
CA GLU A 67 9.92 -38.40 6.00
C GLU A 67 8.85 -37.42 5.58
N ALA A 68 8.93 -36.24 6.16
CA ALA A 68 7.81 -35.35 6.02
C ALA A 68 7.87 -34.49 4.77
N LEU A 69 9.00 -33.81 4.54
CA LEU A 69 9.08 -32.86 3.43
C LEU A 69 9.37 -33.53 2.10
N VAL A 70 10.11 -34.64 2.15
CA VAL A 70 10.47 -35.38 0.94
C VAL A 70 9.54 -36.54 0.62
N ASP A 71 9.44 -37.49 1.55
CA ASP A 71 8.55 -38.63 1.37
C ASP A 71 7.09 -38.23 1.29
N LYS A 72 6.71 -37.19 2.00
CA LYS A 72 5.31 -36.79 2.08
C LYS A 72 5.07 -35.35 1.69
N ALA A 73 5.73 -34.91 0.63
CA ALA A 73 5.62 -33.52 0.14
C ALA A 73 4.19 -33.06 -0.26
N GLU A 74 3.37 -34.01 -0.70
CA GLU A 74 1.93 -33.81 -1.00
C GLU A 74 1.21 -33.17 0.21
N ALA A 75 1.63 -33.57 1.41
CA ALA A 75 1.02 -33.10 2.64
C ALA A 75 1.70 -31.89 3.26
N PHE A 76 3.02 -31.96 3.40
CA PHE A 76 3.77 -31.09 4.33
C PHE A 76 4.45 -29.86 3.71
N SER A 77 3.99 -29.46 2.55
CA SER A 77 4.68 -28.41 1.85
C SER A 77 3.96 -27.08 1.99
N GLY A 78 3.11 -26.97 3.01
CA GLY A 78 2.46 -25.70 3.31
C GLY A 78 3.32 -24.71 4.09
N ARG A 79 3.01 -23.44 3.96
CA ARG A 79 3.69 -22.42 4.71
C ARG A 79 2.69 -21.95 5.80
N GLY A 80 3.13 -21.96 7.03
CA GLY A 80 2.28 -21.64 8.14
C GLY A 80 2.19 -20.16 8.32
N LYS A 81 1.15 -19.72 9.02
CA LYS A 81 0.86 -18.29 9.14
C LYS A 81 1.87 -17.60 10.03
N ILE A 82 2.00 -16.29 9.86
CA ILE A 82 2.92 -15.55 10.65
C ILE A 82 2.33 -14.24 10.95
N ALA A 83 1.50 -14.23 11.95
CA ALA A 83 0.54 -13.14 12.17
C ALA A 83 1.17 -11.73 12.13
N MET A 84 2.34 -11.56 12.74
CA MET A 84 2.91 -10.22 12.79
C MET A 84 2.97 -9.59 11.41
N VAL A 85 3.13 -10.37 10.36
CA VAL A 85 3.26 -9.82 9.01
C VAL A 85 2.23 -10.28 7.96
N ASP A 86 1.40 -11.26 8.29
CA ASP A 86 0.41 -11.67 7.19
CA ASP A 86 0.36 -11.70 7.37
C ASP A 86 -0.53 -10.58 6.83
N PRO A 87 -0.97 -9.68 7.72
CA PRO A 87 -1.84 -8.57 7.34
C PRO A 87 -1.26 -7.65 6.24
N PHE A 88 0.05 -7.69 6.05
CA PHE A 88 0.71 -6.90 5.02
C PHE A 88 0.83 -7.69 3.71
N PHE A 89 1.44 -8.86 3.79
CA PHE A 89 1.73 -9.63 2.61
C PHE A 89 0.50 -10.32 2.06
N ARG A 90 -0.43 -10.67 2.94
CA ARG A 90 -1.76 -11.02 2.49
C ARG A 90 -1.71 -12.24 1.54
N GLY A 91 -0.65 -13.02 1.70
CA GLY A 91 -0.48 -14.29 1.00
C GLY A 91 0.42 -14.19 -0.22
N TYR A 92 1.02 -13.03 -0.41
CA TYR A 92 1.84 -12.81 -1.59
C TYR A 92 3.33 -13.05 -1.35
N GLY A 93 4.00 -13.62 -2.35
CA GLY A 93 5.47 -13.79 -2.30
C GLY A 93 5.87 -15.23 -2.11
N VAL A 94 7.05 -15.61 -2.60
CA VAL A 94 7.48 -17.03 -2.51
C VAL A 94 7.42 -17.64 -1.10
N ILE A 95 7.91 -16.91 -0.10
CA ILE A 95 8.04 -17.45 1.24
C ILE A 95 6.68 -17.54 1.93
N PHE A 96 5.76 -16.68 1.54
CA PHE A 96 4.46 -16.58 2.16
C PHE A 96 3.32 -17.25 1.42
N ALA A 97 3.47 -17.47 0.13
CA ALA A 97 2.34 -17.94 -0.69
C ALA A 97 2.18 -19.42 -0.51
N ASN A 98 0.97 -19.91 -0.77
CA ASN A 98 0.67 -21.33 -0.74
C ASN A 98 -0.06 -21.70 -2.02
N GLY A 99 -0.24 -23.00 -2.24
CA GLY A 99 -1.02 -23.55 -3.35
C GLY A 99 -0.53 -23.12 -4.73
N ASN A 100 -1.51 -22.75 -5.55
CA ASN A 100 -1.22 -22.40 -6.93
C ASN A 100 -0.42 -21.09 -7.04
N ARG A 101 -0.85 -20.05 -6.32
CA ARG A 101 -0.08 -18.82 -6.18
C ARG A 101 1.44 -19.00 -5.94
N TRP A 102 1.79 -20.00 -5.11
CA TRP A 102 3.16 -20.30 -4.81
C TRP A 102 3.74 -21.12 -5.94
N LYS A 103 3.07 -22.22 -6.31
CA LYS A 103 3.58 -23.13 -7.38
C LYS A 103 3.93 -22.35 -8.64
N VAL A 104 3.08 -21.40 -9.02
CA VAL A 104 3.33 -20.57 -10.18
C VAL A 104 4.55 -19.65 -9.98
N LEU A 105 4.64 -19.08 -8.78
CA LEU A 105 5.70 -18.10 -8.49
C LEU A 105 7.03 -18.73 -8.20
N ARG A 106 7.02 -19.83 -7.43
CA ARG A 106 8.26 -20.56 -7.18
C ARG A 106 8.95 -20.83 -8.54
N ARG A 107 8.19 -21.43 -9.48
CA ARG A 107 8.66 -21.77 -10.84
C ARG A 107 9.33 -20.60 -11.56
N PHE A 108 8.67 -19.44 -11.49
CA PHE A 108 9.13 -18.27 -12.24
C PHE A 108 10.45 -17.78 -11.70
N SER A 109 10.53 -17.61 -10.38
CA SER A 109 11.74 -17.17 -9.74
C SER A 109 12.90 -18.14 -10.01
N VAL A 110 12.56 -19.44 -10.06
CA VAL A 110 13.52 -20.51 -10.27
C VAL A 110 14.14 -20.37 -11.64
N THR A 111 13.28 -20.24 -12.66
CA THR A 111 13.76 -20.21 -14.04
C THR A 111 14.51 -18.92 -14.26
N THR A 112 13.98 -17.84 -13.70
CA THR A 112 14.65 -16.54 -13.69
C THR A 112 16.06 -16.56 -13.09
N MET A 113 16.27 -17.28 -11.98
CA MET A 113 17.62 -17.41 -11.43
C MET A 113 18.49 -18.27 -12.30
N ARG A 114 17.87 -19.28 -12.89
CA ARG A 114 18.55 -20.24 -13.73
C ARG A 114 19.08 -19.55 -14.98
N ASP A 115 18.30 -18.64 -15.53
CA ASP A 115 18.64 -17.99 -16.80
C ASP A 115 19.18 -16.62 -16.67
N PHE A 116 19.28 -16.14 -15.44
CA PHE A 116 19.73 -14.82 -15.17
C PHE A 116 21.12 -14.90 -15.59
N GLY A 117 21.72 -13.76 -15.77
CA GLY A 117 23.12 -13.74 -16.13
C GLY A 117 23.41 -14.51 -17.40
N MET A 118 22.39 -15.18 -17.93
CA MET A 118 22.45 -15.76 -19.27
C MET A 118 22.58 -14.61 -20.26
N GLY A 119 21.59 -13.72 -20.26
CA GLY A 119 21.70 -12.50 -21.01
C GLY A 119 22.54 -11.45 -20.33
N LYS A 120 22.18 -11.08 -19.10
CA LYS A 120 22.83 -9.99 -18.40
C LYS A 120 23.98 -10.44 -17.49
N ARG A 121 24.44 -9.54 -16.63
CA ARG A 121 25.54 -9.83 -15.74
C ARG A 121 25.12 -10.82 -14.68
N SER A 122 25.99 -11.77 -14.46
CA SER A 122 25.84 -12.93 -13.61
C SER A 122 25.87 -12.54 -12.16
N VAL A 123 25.31 -13.41 -11.34
CA VAL A 123 25.23 -13.21 -9.92
C VAL A 123 26.65 -13.22 -9.28
N GLU A 124 27.42 -14.16 -9.71
CA GLU A 124 28.81 -14.26 -9.34
C GLU A 124 29.47 -12.94 -9.63
N GLU A 125 29.22 -12.42 -10.84
CA GLU A 125 29.87 -11.20 -11.27
C GLU A 125 29.53 -10.11 -10.27
N ARG A 126 28.26 -10.04 -9.88
CA ARG A 126 27.80 -9.09 -8.88
C ARG A 126 28.40 -9.29 -7.51
N ILE A 127 28.56 -10.53 -7.10
CA ILE A 127 29.10 -10.79 -5.80
C ILE A 127 30.56 -10.38 -5.77
N GLN A 128 31.27 -10.69 -6.84
CA GLN A 128 32.68 -10.28 -6.97
C GLN A 128 32.89 -8.77 -6.81
N GLU A 129 32.01 -7.98 -7.45
CA GLU A 129 32.20 -6.55 -7.35
C GLU A 129 31.86 -6.03 -5.98
N GLU A 130 30.81 -6.58 -5.39
CA GLU A 130 30.46 -6.15 -4.06
C GLU A 130 31.61 -6.50 -3.15
N ALA A 131 32.24 -7.62 -3.45
CA ALA A 131 33.33 -8.11 -2.64
C ALA A 131 34.49 -7.11 -2.67
N GLN A 132 34.79 -6.64 -3.87
CA GLN A 132 35.89 -5.72 -4.07
C GLN A 132 35.51 -4.40 -3.42
N CYS A 133 34.24 -4.01 -3.59
CA CYS A 133 33.75 -2.87 -2.85
C CYS A 133 33.98 -3.02 -1.35
N LEU A 134 33.74 -4.23 -0.87
CA LEU A 134 33.79 -4.44 0.53
C LEU A 134 35.18 -4.23 1.01
N ILE A 135 36.13 -4.74 0.26
CA ILE A 135 37.50 -4.72 0.73
C ILE A 135 38.03 -3.28 0.82
N GLU A 136 37.79 -2.48 -0.21
CA GLU A 136 38.23 -1.11 -0.18
C GLU A 136 37.71 -0.46 1.06
N GLU A 137 36.41 -0.63 1.28
CA GLU A 137 35.81 -0.12 2.51
C GLU A 137 36.57 -0.59 3.76
N LEU A 138 36.84 -1.89 3.83
CA LEU A 138 37.54 -2.47 4.95
C LEU A 138 38.94 -1.93 5.09
N ARG A 139 39.53 -1.54 3.96
CA ARG A 139 40.86 -0.95 3.98
C ARG A 139 40.76 0.49 4.42
N LYS A 140 39.73 1.17 3.93
CA LYS A 140 39.51 2.55 4.29
C LYS A 140 39.46 2.63 5.81
N SER A 141 39.18 1.50 6.44
CA SER A 141 39.14 1.42 7.90
C SER A 141 40.51 1.70 8.53
N LYS A 142 41.59 1.33 7.84
CA LYS A 142 42.94 1.52 8.41
C LYS A 142 43.22 0.67 9.67
N GLY A 143 42.67 -0.55 9.67
CA GLY A 143 42.90 -1.50 10.74
C GLY A 143 42.18 -1.14 12.04
N ALA A 144 41.17 -0.29 11.96
CA ALA A 144 40.40 0.10 13.16
C ALA A 144 39.43 -0.97 13.67
N LEU A 145 39.27 -1.07 14.99
CA LEU A 145 38.21 -1.87 15.63
C LEU A 145 36.79 -1.49 15.21
N MET A 146 36.02 -2.41 14.69
CA MET A 146 34.66 -2.09 14.32
C MET A 146 33.75 -3.23 14.64
N ASP A 147 32.46 -2.92 14.69
CA ASP A 147 31.41 -3.92 14.71
C ASP A 147 30.94 -4.06 13.27
N PRO A 148 31.03 -5.28 12.71
CA PRO A 148 30.79 -5.39 11.28
C PRO A 148 29.34 -5.65 10.91
N THR A 149 28.47 -5.72 11.91
CA THR A 149 27.06 -6.02 11.69
C THR A 149 26.52 -5.24 10.51
N PHE A 150 26.80 -3.96 10.54
CA PHE A 150 26.29 -2.98 9.60
C PHE A 150 26.70 -3.34 8.16
N LEU A 151 27.99 -3.51 7.97
CA LEU A 151 28.56 -3.84 6.68
C LEU A 151 28.03 -5.16 6.10
N PHE A 152 27.97 -6.19 6.92
CA PHE A 152 27.53 -7.46 6.43
C PHE A 152 26.11 -7.38 5.96
N GLN A 153 25.30 -6.63 6.71
CA GLN A 153 23.93 -6.44 6.34
C GLN A 153 23.92 -5.72 5.04
N SER A 154 24.78 -4.71 4.96
CA SER A 154 24.92 -3.96 3.76
C SER A 154 25.21 -4.83 2.57
N ILE A 155 26.33 -5.54 2.58
CA ILE A 155 26.74 -6.33 1.41
C ILE A 155 25.70 -7.38 0.92
N THR A 156 24.91 -7.91 1.84
CA THR A 156 23.96 -8.94 1.51
C THR A 156 22.77 -8.33 0.81
N ALA A 157 22.31 -7.22 1.37
CA ALA A 157 21.29 -6.44 0.78
C ALA A 157 21.78 -6.04 -0.61
N ASN A 158 22.97 -5.47 -0.68
CA ASN A 158 23.38 -4.97 -1.94
C ASN A 158 23.22 -6.06 -3.01
N ILE A 159 23.49 -7.30 -2.65
CA ILE A 159 23.46 -8.32 -3.66
C ILE A 159 22.03 -8.52 -4.18
N ILE A 160 21.05 -8.30 -3.33
CA ILE A 160 19.72 -8.49 -3.78
C ILE A 160 19.24 -7.24 -4.52
N CYS A 161 19.76 -6.08 -4.10
CA CYS A 161 19.48 -4.84 -4.81
C CYS A 161 20.06 -4.91 -6.22
N SER A 162 21.26 -5.47 -6.33
CA SER A 162 21.89 -5.67 -7.59
C SER A 162 20.97 -6.53 -8.44
N ILE A 163 20.47 -7.64 -7.93
CA ILE A 163 19.68 -8.55 -8.73
C ILE A 163 18.34 -7.97 -9.18
N VAL A 164 17.65 -7.38 -8.22
CA VAL A 164 16.31 -6.96 -8.44
C VAL A 164 16.23 -5.57 -9.11
N PHE A 165 16.89 -4.57 -8.54
CA PHE A 165 16.93 -3.22 -9.11
C PHE A 165 17.92 -3.02 -10.24
N GLY A 166 18.85 -3.95 -10.40
CA GLY A 166 19.92 -3.77 -11.37
C GLY A 166 21.00 -2.84 -10.84
N LYS A 167 21.12 -2.68 -9.52
CA LYS A 167 22.17 -1.80 -9.03
C LYS A 167 22.48 -1.95 -7.54
N ARG A 168 23.64 -1.47 -7.10
CA ARG A 168 24.03 -1.52 -5.70
C ARG A 168 24.07 -0.10 -5.19
N PHE A 169 24.21 0.08 -3.88
CA PHE A 169 24.26 1.40 -3.28
C PHE A 169 25.53 1.60 -2.51
N HIS A 170 26.05 2.82 -2.53
CA HIS A 170 27.25 3.15 -1.76
C HIS A 170 26.95 2.97 -0.27
N TYR A 171 27.90 2.39 0.45
CA TYR A 171 27.70 2.09 1.86
C TYR A 171 27.37 3.34 2.72
N GLN A 172 27.58 4.53 2.16
CA GLN A 172 27.25 5.74 2.90
C GLN A 172 25.96 6.46 2.47
N ASP A 173 25.46 6.09 1.31
CA ASP A 173 24.19 6.50 0.80
C ASP A 173 23.21 6.50 1.92
N GLN A 174 22.54 7.60 2.18
CA GLN A 174 21.67 7.69 3.33
C GLN A 174 20.34 7.17 3.00
N GLU A 175 19.99 7.24 1.73
CA GLU A 175 18.75 6.69 1.30
C GLU A 175 18.79 5.23 1.57
N PHE A 176 19.98 4.66 1.48
CA PHE A 176 20.24 3.24 1.67
C PHE A 176 20.16 2.89 3.15
N LEU A 177 20.99 3.57 3.94
CA LEU A 177 21.09 3.27 5.36
C LEU A 177 19.77 3.33 6.10
N LYS A 178 18.94 4.30 5.72
CA LYS A 178 17.55 4.42 6.17
C LYS A 178 16.83 3.13 5.81
N MET A 179 16.63 2.85 4.52
CA MET A 179 15.97 1.62 4.09
C MET A 179 16.42 0.39 4.87
N LEU A 180 17.74 0.29 5.08
CA LEU A 180 18.28 -0.86 5.78
C LEU A 180 17.77 -0.95 7.18
N ASN A 181 17.91 0.15 7.90
CA ASN A 181 17.47 0.15 9.27
C ASN A 181 16.04 -0.16 9.45
N LEU A 182 15.27 0.10 8.42
CA LEU A 182 13.87 -0.20 8.42
C LEU A 182 13.66 -1.69 8.45
N PHE A 183 14.39 -2.44 7.64
CA PHE A 183 14.33 -3.88 7.75
C PHE A 183 14.73 -4.39 9.14
N TYR A 184 15.99 -4.19 9.50
CA TYR A 184 16.52 -4.65 10.77
C TYR A 184 15.52 -4.39 11.87
N GLN A 185 14.96 -3.18 11.84
CA GLN A 185 14.05 -2.74 12.86
C GLN A 185 12.82 -3.65 12.87
N THR A 186 12.23 -3.84 11.67
CA THR A 186 11.04 -4.65 11.49
C THR A 186 11.30 -6.05 12.01
N PHE A 187 12.51 -6.54 11.77
CA PHE A 187 12.88 -7.86 12.23
C PHE A 187 12.88 -7.93 13.74
N SER A 188 13.66 -7.12 14.42
CA SER A 188 13.73 -7.22 15.87
C SER A 188 12.39 -6.94 16.54
N LEU A 189 11.55 -6.14 15.90
CA LEU A 189 10.16 -5.98 16.32
C LEU A 189 9.38 -7.33 16.31
N ILE A 190 9.53 -8.17 15.27
CA ILE A 190 8.90 -9.50 15.30
C ILE A 190 9.62 -10.46 16.24
N SER A 191 10.91 -10.21 16.42
CA SER A 191 11.70 -10.99 17.35
C SER A 191 11.32 -10.73 18.80
N SER A 192 10.58 -9.66 19.07
CA SER A 192 10.46 -9.18 20.45
C SER A 192 9.44 -9.97 21.26
N VAL A 193 9.47 -9.76 22.56
CA VAL A 193 8.48 -10.30 23.50
C VAL A 193 7.04 -10.27 22.96
N PHE A 194 6.72 -9.17 22.33
CA PHE A 194 5.38 -8.88 21.93
C PHE A 194 5.03 -9.66 20.66
N GLY A 195 5.92 -9.54 19.70
CA GLY A 195 5.69 -10.16 18.44
C GLY A 195 5.48 -11.61 18.75
N GLN A 196 6.14 -12.09 19.78
CA GLN A 196 5.94 -13.45 20.09
C GLN A 196 4.50 -13.50 20.47
N LEU A 197 4.16 -12.86 21.57
CA LEU A 197 2.81 -12.98 22.10
C LEU A 197 1.72 -12.66 21.08
N PHE A 198 2.06 -11.85 20.07
CA PHE A 198 1.09 -11.41 19.08
C PHE A 198 0.69 -12.63 18.29
N GLU A 199 1.66 -13.49 18.02
CA GLU A 199 1.44 -14.69 17.20
C GLU A 199 0.48 -15.67 17.83
N LEU A 200 0.06 -15.41 19.06
CA LEU A 200 -0.71 -16.38 19.77
C LEU A 200 -2.06 -15.84 19.94
N PHE A 201 -2.12 -14.69 20.56
CA PHE A 201 -3.38 -14.09 20.95
C PHE A 201 -3.76 -12.94 20.06
N SER A 202 -3.31 -13.04 18.83
CA SER A 202 -3.63 -12.10 17.78
C SER A 202 -5.11 -11.97 17.60
N GLY A 203 -5.83 -13.03 17.89
CA GLY A 203 -7.29 -13.07 17.74
C GLY A 203 -7.93 -11.88 18.42
N PHE A 204 -7.48 -11.59 19.63
CA PHE A 204 -8.03 -10.45 20.34
C PHE A 204 -7.00 -9.34 20.42
N LEU A 205 -5.75 -9.69 20.35
CA LEU A 205 -4.68 -8.75 20.59
C LEU A 205 -4.32 -7.87 19.42
N LYS A 206 -5.13 -7.88 18.37
CA LYS A 206 -4.88 -7.11 17.15
C LYS A 206 -5.66 -5.83 17.20
N HIS A 207 -6.73 -5.85 17.96
CA HIS A 207 -7.55 -4.68 18.13
C HIS A 207 -6.66 -3.62 18.66
N PHE A 208 -6.15 -3.83 19.86
CA PHE A 208 -5.20 -2.89 20.47
C PHE A 208 -4.02 -2.62 19.54
N PRO A 209 -3.32 -1.48 19.75
CA PRO A 209 -2.11 -1.25 19.02
C PRO A 209 -1.00 -2.03 19.66
N GLY A 210 -0.04 -2.43 18.85
CA GLY A 210 1.12 -3.14 19.35
C GLY A 210 2.33 -2.85 18.52
N ALA A 211 3.22 -3.81 18.48
CA ALA A 211 4.30 -3.74 17.52
C ALA A 211 3.81 -4.15 16.12
N HIS A 212 2.64 -4.77 16.01
CA HIS A 212 2.15 -5.17 14.69
C HIS A 212 1.76 -4.00 13.78
N ARG A 213 1.35 -2.91 14.40
CA ARG A 213 0.87 -1.72 13.73
C ARG A 213 2.10 -1.05 13.19
N GLN A 214 3.10 -0.96 14.05
CA GLN A 214 4.40 -0.38 13.72
C GLN A 214 5.10 -1.14 12.59
N VAL A 215 4.99 -2.46 12.63
CA VAL A 215 5.63 -3.30 11.62
C VAL A 215 4.96 -3.08 10.28
N TYR A 216 3.66 -3.04 10.21
CA TYR A 216 3.00 -2.68 8.98
C TYR A 216 3.50 -1.34 8.48
N LYS A 217 3.53 -0.37 9.37
CA LYS A 217 4.04 0.93 8.99
C LYS A 217 5.38 0.87 8.36
N ASN A 218 6.29 0.10 8.92
CA ASN A 218 7.63 0.03 8.39
C ASN A 218 7.72 -0.67 7.08
N LEU A 219 6.91 -1.69 6.91
CA LEU A 219 6.88 -2.39 5.67
C LEU A 219 6.24 -1.56 4.59
N GLN A 220 5.32 -0.70 4.95
CA GLN A 220 4.62 0.09 3.97
C GLN A 220 5.57 1.07 3.41
N GLU A 221 6.32 1.72 4.25
CA GLU A 221 7.31 2.69 3.82
C GLU A 221 8.28 2.12 2.77
N ILE A 222 8.98 1.05 3.12
CA ILE A 222 9.87 0.32 2.18
C ILE A 222 9.10 0.07 0.89
N ASN A 223 7.89 -0.47 0.99
CA ASN A 223 7.13 -0.78 -0.19
C ASN A 223 6.93 0.39 -1.16
N ALA A 224 6.99 1.60 -0.62
CA ALA A 224 6.83 2.80 -1.42
C ALA A 224 8.00 2.92 -2.38
N TYR A 225 9.18 2.57 -1.87
CA TYR A 225 10.41 2.63 -2.65
C TYR A 225 10.43 1.64 -3.79
N ILE A 226 9.88 0.47 -3.55
CA ILE A 226 9.77 -0.56 -4.58
C ILE A 226 8.80 -0.22 -5.73
N GLY A 227 7.73 0.50 -5.41
CA GLY A 227 6.68 0.80 -6.38
C GLY A 227 7.20 1.88 -7.29
N HIS A 228 7.89 2.83 -6.65
CA HIS A 228 8.49 3.98 -7.29
C HIS A 228 9.48 3.46 -8.34
N SER A 229 10.43 2.66 -7.85
CA SER A 229 11.39 1.96 -8.70
C SER A 229 10.79 1.06 -9.81
N VAL A 230 9.68 0.37 -9.55
CA VAL A 230 9.05 -0.38 -10.61
C VAL A 230 8.56 0.58 -11.68
N GLU A 231 8.16 1.77 -11.29
CA GLU A 231 7.65 2.68 -12.28
C GLU A 231 8.83 3.16 -13.13
N LYS A 232 9.87 3.71 -12.48
CA LYS A 232 11.13 4.06 -13.18
C LYS A 232 11.58 2.99 -14.19
N HIS A 233 11.27 1.74 -13.87
CA HIS A 233 11.57 0.60 -14.71
C HIS A 233 10.64 0.47 -15.94
N ARG A 234 9.36 0.69 -15.76
CA ARG A 234 8.43 0.62 -16.87
C ARG A 234 8.74 1.71 -17.91
N GLU A 235 9.21 2.85 -17.39
CA GLU A 235 9.57 4.02 -18.20
C GLU A 235 10.89 3.87 -19.03
N THR A 236 11.72 2.86 -18.70
CA THR A 236 13.03 2.62 -19.34
C THR A 236 13.15 1.14 -19.78
N LEU A 237 12.05 0.55 -20.17
CA LEU A 237 12.12 -0.84 -20.48
C LEU A 237 12.60 -1.08 -21.90
N ASP A 238 13.59 -1.95 -22.08
CA ASP A 238 13.90 -2.52 -23.41
C ASP A 238 13.58 -4.01 -23.45
N PRO A 239 12.50 -4.41 -24.16
CA PRO A 239 11.96 -5.78 -24.15
C PRO A 239 13.03 -6.79 -24.51
N SER A 240 14.02 -6.32 -25.26
CA SER A 240 15.07 -7.22 -25.76
C SER A 240 16.38 -7.12 -24.97
N ALA A 241 16.37 -6.36 -23.87
CA ALA A 241 17.56 -6.19 -23.04
C ALA A 241 17.18 -5.95 -21.59
N PRO A 242 16.66 -6.97 -20.96
CA PRO A 242 16.27 -6.93 -19.57
C PRO A 242 17.44 -6.69 -18.65
N ARG A 243 17.49 -5.58 -17.93
CA ARG A 243 18.64 -5.30 -17.00
C ARG A 243 18.64 -6.11 -15.69
N ASP A 244 17.46 -6.38 -15.11
CA ASP A 244 17.32 -6.99 -13.75
C ASP A 244 16.13 -7.98 -13.55
N LEU A 245 15.82 -8.28 -12.29
CA LEU A 245 14.75 -9.18 -11.99
C LEU A 245 13.37 -8.53 -12.20
N ILE A 246 13.31 -7.22 -11.91
CA ILE A 246 12.14 -6.39 -12.18
C ILE A 246 11.88 -6.44 -13.67
N ASP A 247 12.83 -5.93 -14.45
CA ASP A 247 12.74 -5.94 -15.90
C ASP A 247 12.20 -7.29 -16.42
N THR A 248 12.72 -8.40 -15.91
CA THR A 248 12.23 -9.72 -16.26
C THR A 248 10.78 -10.00 -15.84
N TYR A 249 10.41 -9.52 -14.66
CA TYR A 249 9.06 -9.73 -14.19
C TYR A 249 8.12 -8.97 -15.11
N LEU A 250 8.41 -7.70 -15.35
CA LEU A 250 7.51 -6.84 -16.14
C LEU A 250 7.30 -7.41 -17.53
N LEU A 251 8.36 -8.00 -18.05
CA LEU A 251 8.24 -8.65 -19.33
C LEU A 251 7.40 -9.87 -19.22
N HIS A 252 7.53 -10.60 -18.11
CA HIS A 252 6.74 -11.81 -17.99
C HIS A 252 5.26 -11.46 -18.10
N MET A 253 4.94 -10.32 -17.51
CA MET A 253 3.59 -9.82 -17.44
C MET A 253 2.92 -9.57 -18.78
N GLU A 254 3.65 -8.94 -19.68
CA GLU A 254 3.15 -8.66 -21.02
C GLU A 254 2.93 -9.93 -21.84
N LYS A 255 3.93 -10.79 -21.90
CA LYS A 255 3.76 -12.04 -22.61
C LYS A 255 2.64 -12.77 -21.91
N GLU A 256 2.42 -12.44 -20.64
CA GLU A 256 1.46 -13.16 -19.82
C GLU A 256 0.08 -12.59 -20.06
N LYS A 257 0.00 -11.33 -20.47
CA LYS A 257 -1.29 -10.71 -20.68
C LYS A 257 -1.97 -11.19 -21.94
N SER A 258 -1.20 -11.81 -22.82
CA SER A 258 -1.76 -12.41 -24.02
C SER A 258 -2.30 -13.82 -23.80
N ASN A 259 -2.31 -14.29 -22.54
CA ASN A 259 -2.97 -15.56 -22.17
C ASN A 259 -4.45 -15.33 -21.79
N ALA A 260 -5.06 -16.32 -21.17
CA ALA A 260 -6.42 -16.18 -20.69
C ALA A 260 -6.44 -16.23 -19.17
N HIS A 261 -5.46 -16.90 -18.59
CA HIS A 261 -5.49 -17.20 -17.16
C HIS A 261 -4.17 -16.89 -16.49
N SER A 262 -3.79 -15.62 -16.50
CA SER A 262 -2.58 -15.21 -15.84
C SER A 262 -2.70 -15.21 -14.31
N GLU A 263 -2.52 -16.39 -13.69
CA GLU A 263 -2.47 -16.46 -12.23
C GLU A 263 -1.30 -15.60 -11.82
N PHE A 264 -0.36 -15.45 -12.73
CA PHE A 264 0.83 -14.68 -12.44
C PHE A 264 0.51 -13.19 -12.31
N SER A 265 -0.24 -12.66 -13.23
CA SER A 265 -0.45 -11.26 -13.32
C SER A 265 -1.44 -10.78 -12.30
N HIS A 266 -2.14 -11.71 -11.68
CA HIS A 266 -3.10 -11.32 -10.69
C HIS A 266 -2.50 -11.11 -9.34
N GLN A 267 -1.21 -10.93 -9.36
CA GLN A 267 -0.38 -10.98 -8.19
C GLN A 267 0.26 -9.65 -8.06
N ASN A 268 0.55 -9.29 -6.84
CA ASN A 268 1.09 -8.00 -6.52
C ASN A 268 2.57 -7.98 -6.76
N LEU A 269 2.94 -7.17 -7.73
CA LEU A 269 4.31 -7.13 -8.12
C LEU A 269 5.15 -6.74 -6.90
N ASN A 270 4.86 -5.57 -6.35
CA ASN A 270 5.59 -4.99 -5.24
C ASN A 270 5.84 -5.99 -4.13
N LEU A 271 4.75 -6.48 -3.56
CA LEU A 271 4.84 -7.43 -2.48
C LEU A 271 5.74 -8.59 -2.82
N ASN A 272 5.49 -9.27 -3.94
CA ASN A 272 6.39 -10.34 -4.33
C ASN A 272 7.86 -9.95 -4.14
N THR A 273 8.19 -8.73 -4.55
CA THR A 273 9.56 -8.23 -4.51
C THR A 273 9.99 -7.96 -3.08
N LEU A 274 9.19 -7.19 -2.36
CA LEU A 274 9.49 -6.95 -0.97
C LEU A 274 9.76 -8.26 -0.27
N SER A 275 8.84 -9.22 -0.45
CA SER A 275 8.94 -10.53 0.19
C SER A 275 10.27 -11.23 -0.10
N LEU A 276 10.94 -10.80 -1.16
CA LEU A 276 12.12 -11.53 -1.56
C LEU A 276 13.24 -10.90 -0.78
N PHE A 277 13.09 -9.63 -0.54
CA PHE A 277 14.07 -8.96 0.23
C PHE A 277 13.97 -9.49 1.61
N PHE A 278 12.76 -9.54 2.13
CA PHE A 278 12.50 -10.10 3.46
C PHE A 278 13.19 -11.45 3.63
N ALA A 279 12.88 -12.40 2.75
CA ALA A 279 13.49 -13.70 2.84
C ALA A 279 14.97 -13.66 3.04
N GLY A 280 15.66 -12.89 2.24
CA GLY A 280 17.10 -12.94 2.21
C GLY A 280 17.76 -12.08 3.24
N THR A 281 16.94 -11.44 4.03
CA THR A 281 17.43 -10.52 5.00
C THR A 281 17.80 -11.24 6.24
N GLU A 282 18.89 -10.81 6.84
CA GLU A 282 19.18 -11.32 8.14
C GLU A 282 19.52 -12.75 8.00
N THR A 283 20.19 -13.07 6.92
CA THR A 283 20.29 -14.40 6.46
C THR A 283 21.74 -14.69 6.49
N THR A 284 22.40 -14.45 5.39
CA THR A 284 23.83 -14.49 5.30
C THR A 284 24.52 -13.54 6.22
N SER A 285 24.06 -12.31 6.30
CA SER A 285 24.74 -11.36 7.14
C SER A 285 24.99 -12.01 8.53
N THR A 286 24.02 -12.74 9.02
CA THR A 286 24.16 -13.29 10.33
C THR A 286 25.18 -14.38 10.30
N THR A 287 25.07 -15.29 9.36
CA THR A 287 26.04 -16.33 9.21
C THR A 287 27.46 -15.79 9.11
N LEU A 288 27.63 -14.73 8.34
CA LEU A 288 28.96 -14.16 8.15
C LEU A 288 29.43 -13.54 9.43
N ARG A 289 28.50 -12.89 10.11
CA ARG A 289 28.81 -12.26 11.37
C ARG A 289 29.31 -13.38 12.30
N TYR A 290 28.59 -14.50 12.32
CA TYR A 290 28.98 -15.61 13.17
C TYR A 290 30.33 -16.14 12.70
N GLY A 291 30.44 -16.38 11.40
CA GLY A 291 31.71 -16.79 10.80
C GLY A 291 32.94 -16.13 11.41
N PHE A 292 32.97 -14.81 11.48
CA PHE A 292 34.20 -14.12 11.86
C PHE A 292 34.41 -14.00 13.36
N LEU A 293 33.35 -14.23 14.13
CA LEU A 293 33.58 -14.38 15.53
C LEU A 293 34.34 -15.70 15.68
N LEU A 294 33.91 -16.74 14.94
CA LEU A 294 34.54 -18.05 15.03
C LEU A 294 35.98 -18.02 14.62
N MET A 295 36.32 -17.21 13.62
CA MET A 295 37.69 -17.09 13.16
C MET A 295 38.55 -16.35 14.20
N LEU A 296 37.90 -15.64 15.10
CA LEU A 296 38.60 -15.02 16.19
C LEU A 296 38.86 -16.00 17.33
N LYS A 297 37.92 -16.91 17.58
CA LYS A 297 38.11 -17.98 18.57
C LYS A 297 39.07 -19.07 18.08
N TYR A 298 39.06 -19.35 16.78
CA TYR A 298 39.93 -20.36 16.24
C TYR A 298 40.79 -19.78 15.12
N PRO A 299 41.84 -19.05 15.50
CA PRO A 299 42.68 -18.41 14.53
C PRO A 299 43.43 -19.38 13.64
N HIS A 300 43.62 -20.62 14.12
CA HIS A 300 44.48 -21.56 13.44
C HIS A 300 43.68 -22.12 12.27
N VAL A 301 42.37 -22.05 12.39
CA VAL A 301 41.43 -22.31 11.32
C VAL A 301 41.50 -21.15 10.35
N ALA A 302 41.52 -19.94 10.86
CA ALA A 302 41.62 -18.83 9.95
C ALA A 302 42.90 -18.91 9.08
N GLU A 303 44.03 -19.17 9.73
CA GLU A 303 45.30 -19.23 9.04
C GLU A 303 45.35 -20.30 7.98
N ARG A 304 44.79 -21.47 8.28
CA ARG A 304 44.76 -22.62 7.34
C ARG A 304 43.97 -22.27 6.07
N VAL A 305 42.82 -21.66 6.26
CA VAL A 305 42.00 -21.22 5.15
C VAL A 305 42.85 -20.31 4.26
N TYR A 306 43.42 -19.29 4.86
CA TYR A 306 44.23 -18.37 4.12
C TYR A 306 45.24 -19.09 3.28
N ARG A 307 45.90 -20.09 3.87
CA ARG A 307 46.96 -20.79 3.21
C ARG A 307 46.42 -21.51 2.03
N GLU A 308 45.24 -22.13 2.17
CA GLU A 308 44.58 -22.79 1.04
C GLU A 308 44.36 -21.79 -0.11
N ILE A 309 43.82 -20.61 0.22
CA ILE A 309 43.57 -19.54 -0.72
C ILE A 309 44.85 -19.11 -1.42
N GLU A 310 45.87 -18.86 -0.63
CA GLU A 310 47.15 -18.49 -1.18
C GLU A 310 47.63 -19.58 -2.08
N GLN A 311 47.49 -20.81 -1.63
CA GLN A 311 47.81 -21.97 -2.43
C GLN A 311 46.96 -22.01 -3.69
N VAL A 312 45.64 -21.84 -3.58
CA VAL A 312 44.82 -22.12 -4.74
C VAL A 312 44.55 -20.92 -5.61
N ILE A 313 44.35 -19.75 -5.00
CA ILE A 313 44.01 -18.53 -5.75
C ILE A 313 45.17 -17.52 -5.83
N GLY A 314 45.94 -17.43 -4.75
CA GLY A 314 47.03 -16.49 -4.67
C GLY A 314 46.50 -15.16 -4.18
N PRO A 315 47.40 -14.20 -3.89
CA PRO A 315 47.08 -12.96 -3.23
C PRO A 315 46.36 -11.92 -4.07
N HIS A 316 46.41 -11.98 -5.38
CA HIS A 316 45.81 -10.92 -6.19
C HIS A 316 44.49 -11.21 -6.85
N ARG A 317 44.43 -12.22 -7.69
CA ARG A 317 43.20 -12.33 -8.46
C ARG A 317 42.05 -12.66 -7.57
N PRO A 318 40.88 -12.11 -7.88
CA PRO A 318 39.63 -12.34 -7.15
C PRO A 318 39.12 -13.76 -7.18
N PRO A 319 39.04 -14.40 -6.01
CA PRO A 319 38.43 -15.70 -5.89
C PRO A 319 37.15 -15.73 -6.68
N GLU A 320 36.81 -16.89 -7.19
CA GLU A 320 35.65 -17.07 -8.02
C GLU A 320 35.06 -18.44 -7.72
N LEU A 321 33.84 -18.69 -8.20
CA LEU A 321 33.12 -19.87 -7.76
C LEU A 321 33.79 -21.16 -8.18
N HIS A 322 34.52 -21.09 -9.28
CA HIS A 322 35.17 -22.28 -9.79
C HIS A 322 36.20 -22.82 -8.80
N ASP A 323 36.90 -21.92 -8.10
CA ASP A 323 37.90 -22.28 -7.08
C ASP A 323 37.37 -23.25 -6.05
N ARG A 324 36.10 -23.08 -5.72
CA ARG A 324 35.44 -23.87 -4.70
C ARG A 324 35.93 -25.32 -4.73
N ALA A 325 35.61 -26.06 -5.81
CA ALA A 325 35.97 -27.48 -5.89
C ALA A 325 37.38 -27.71 -5.36
N LYS A 326 38.33 -26.92 -5.80
CA LYS A 326 39.74 -27.12 -5.46
C LYS A 326 40.18 -26.70 -4.05
N MET A 327 39.21 -26.29 -3.24
CA MET A 327 39.44 -25.77 -1.90
C MET A 327 38.55 -26.47 -0.88
N PRO A 328 38.82 -27.77 -0.62
CA PRO A 328 37.88 -28.49 0.23
C PRO A 328 37.95 -28.08 1.71
N TYR A 329 39.10 -27.67 2.21
CA TYR A 329 39.14 -27.21 3.60
C TYR A 329 38.25 -25.98 3.87
N THR A 330 38.24 -25.05 2.93
CA THR A 330 37.41 -23.86 3.03
C THR A 330 35.93 -24.24 2.92
N GLU A 331 35.56 -25.03 1.92
CA GLU A 331 34.18 -25.47 1.79
C GLU A 331 33.75 -26.17 3.05
N ALA A 332 34.70 -26.77 3.75
CA ALA A 332 34.36 -27.41 5.01
C ALA A 332 34.26 -26.41 6.15
N VAL A 333 35.13 -25.42 6.15
CA VAL A 333 35.12 -24.44 7.20
C VAL A 333 33.84 -23.68 7.11
N ILE A 334 33.41 -23.36 5.89
CA ILE A 334 32.11 -22.73 5.66
C ILE A 334 30.96 -23.62 6.10
N TYR A 335 31.06 -24.91 5.85
CA TYR A 335 29.91 -25.74 6.15
C TYR A 335 29.71 -25.82 7.63
N GLU A 336 30.81 -25.93 8.36
CA GLU A 336 30.77 -26.10 9.80
C GLU A 336 30.21 -24.83 10.38
N ILE A 337 30.58 -23.70 9.80
CA ILE A 337 30.05 -22.42 10.28
C ILE A 337 28.53 -22.37 10.22
N GLN A 338 27.96 -22.69 9.05
CA GLN A 338 26.54 -22.75 8.86
C GLN A 338 25.96 -23.72 9.88
N ARG A 339 26.52 -24.93 9.92
CA ARG A 339 26.01 -25.94 10.85
C ARG A 339 25.99 -25.42 12.28
N PHE A 340 27.10 -24.84 12.74
CA PHE A 340 27.22 -24.43 14.12
C PHE A 340 26.30 -23.27 14.41
N SER A 341 26.08 -22.40 13.44
CA SER A 341 25.33 -21.17 13.67
C SER A 341 23.86 -21.39 13.90
N ASP A 342 23.32 -22.35 13.17
CA ASP A 342 21.91 -22.74 13.33
C ASP A 342 20.97 -21.55 13.23
N LEU A 343 21.15 -20.77 12.19
CA LEU A 343 20.40 -19.54 11.94
C LEU A 343 18.97 -19.60 12.39
N LEU A 344 18.26 -20.61 11.89
CA LEU A 344 16.86 -20.82 12.17
C LEU A 344 16.64 -22.19 12.81
N PRO A 345 16.76 -22.28 14.13
CA PRO A 345 16.77 -23.64 14.67
C PRO A 345 15.51 -24.39 14.28
N MET A 346 14.46 -23.65 13.95
CA MET A 346 13.16 -24.30 13.75
C MET A 346 12.54 -24.19 12.36
N GLY A 347 13.36 -23.76 11.40
CA GLY A 347 12.89 -23.63 10.05
C GLY A 347 11.90 -22.52 9.94
N VAL A 348 11.04 -22.60 8.91
CA VAL A 348 9.91 -21.69 8.75
C VAL A 348 8.64 -22.52 8.79
N PRO A 349 7.67 -22.07 9.63
CA PRO A 349 6.49 -22.91 9.86
C PRO A 349 5.93 -23.54 8.60
N HIS A 350 5.59 -24.82 8.66
CA HIS A 350 4.75 -25.40 7.62
C HIS A 350 3.30 -25.57 8.10
N ILE A 351 2.37 -25.85 7.21
CA ILE A 351 1.11 -26.43 7.65
C ILE A 351 0.98 -27.62 6.77
N VAL A 352 0.19 -28.61 7.19
CA VAL A 352 -0.12 -29.74 6.32
C VAL A 352 -1.31 -29.40 5.43
N THR A 353 -1.30 -29.86 4.19
CA THR A 353 -2.33 -29.45 3.23
C THR A 353 -3.45 -30.49 3.09
N GLN A 354 -3.10 -31.76 3.10
CA GLN A 354 -4.16 -32.79 3.12
C GLN A 354 -4.07 -33.45 4.50
N HIS A 355 -5.14 -34.12 4.94
CA HIS A 355 -5.12 -34.98 6.16
C HIS A 355 -4.15 -36.13 5.88
N THR A 356 -3.31 -36.46 6.85
CA THR A 356 -2.21 -37.38 6.58
C THR A 356 -1.82 -38.24 7.75
N SER A 357 -1.39 -39.45 7.42
CA SER A 357 -0.86 -40.37 8.38
C SER A 357 0.65 -40.20 8.47
N PHE A 358 1.13 -39.90 9.67
CA PHE A 358 2.56 -39.80 9.93
C PHE A 358 3.05 -40.60 11.15
N ARG A 359 3.80 -41.68 10.89
CA ARG A 359 4.21 -42.65 11.92
C ARG A 359 3.00 -43.10 12.71
N GLY A 360 1.94 -43.49 11.98
CA GLY A 360 0.67 -43.87 12.60
C GLY A 360 0.11 -42.86 13.62
N TYR A 361 0.16 -41.56 13.26
CA TYR A 361 -0.60 -40.50 13.92
C TYR A 361 -1.46 -39.79 12.88
N ILE A 362 -2.60 -39.27 13.29
CA ILE A 362 -3.41 -38.60 12.29
C ILE A 362 -3.43 -37.06 12.43
N ILE A 363 -2.74 -36.41 11.50
CA ILE A 363 -2.66 -34.99 11.47
C ILE A 363 -3.62 -34.39 10.46
N PRO A 364 -4.28 -33.34 10.88
CA PRO A 364 -5.42 -32.76 10.20
C PRO A 364 -5.07 -31.71 9.21
N LYS A 365 -5.85 -31.57 8.17
CA LYS A 365 -5.66 -30.44 7.29
C LYS A 365 -5.50 -29.18 8.13
N ASP A 366 -4.59 -28.30 7.72
CA ASP A 366 -4.38 -27.02 8.39
C ASP A 366 -3.73 -27.06 9.81
N THR A 367 -2.88 -28.06 10.11
CA THR A 367 -2.08 -28.04 11.36
C THR A 367 -0.71 -27.42 11.15
N GLU A 368 -0.31 -26.45 11.96
CA GLU A 368 1.03 -25.93 11.86
C GLU A 368 2.02 -26.97 12.30
N VAL A 369 3.21 -26.91 11.74
CA VAL A 369 4.24 -27.98 11.83
C VAL A 369 5.63 -27.32 11.78
N PHE A 370 6.57 -27.75 12.61
CA PHE A 370 7.90 -27.16 12.66
C PHE A 370 8.94 -28.20 12.40
N LEU A 371 9.86 -27.97 11.49
CA LEU A 371 10.92 -28.91 11.31
C LEU A 371 12.11 -28.41 12.04
N ILE A 372 12.45 -29.02 13.14
CA ILE A 372 13.45 -28.51 14.03
C ILE A 372 14.75 -28.90 13.47
N LEU A 373 15.35 -27.99 12.74
CA LEU A 373 16.53 -28.34 11.99
C LEU A 373 17.75 -28.35 12.93
N SER A 374 17.71 -27.58 14.02
CA SER A 374 18.80 -27.64 14.97
C SER A 374 19.11 -29.08 15.32
N THR A 375 18.07 -29.90 15.44
CA THR A 375 18.27 -31.25 15.84
C THR A 375 19.01 -32.05 14.75
N ALA A 376 18.84 -31.70 13.48
CA ALA A 376 19.58 -32.37 12.42
C ALA A 376 21.05 -31.94 12.44
N LEU A 377 21.27 -30.65 12.37
CA LEU A 377 22.58 -30.04 12.56
C LEU A 377 23.37 -30.50 13.80
N HIS A 378 22.68 -30.96 14.85
CA HIS A 378 23.37 -31.42 16.07
C HIS A 378 23.19 -32.93 16.36
N ASP A 379 22.92 -33.70 15.32
CA ASP A 379 22.76 -35.16 15.46
C ASP A 379 24.12 -35.80 15.71
N PRO A 380 24.33 -36.39 16.90
CA PRO A 380 25.67 -36.86 17.24
C PRO A 380 26.05 -38.10 16.43
N HIS A 381 25.02 -38.70 15.83
CA HIS A 381 25.22 -39.78 14.88
C HIS A 381 25.90 -39.34 13.61
N TYR A 382 25.68 -38.09 13.21
CA TYR A 382 26.38 -37.55 12.07
C TYR A 382 27.50 -36.55 12.44
N PHE A 383 27.40 -35.86 13.57
CA PHE A 383 28.47 -34.97 14.02
C PHE A 383 28.95 -35.30 15.45
N GLU A 384 30.12 -35.93 15.48
CA GLU A 384 30.76 -36.24 16.72
C GLU A 384 30.82 -34.97 17.53
N LYS A 385 30.29 -35.02 18.75
CA LYS A 385 30.44 -33.97 19.75
C LYS A 385 29.94 -32.64 19.19
N PRO A 386 28.64 -32.58 18.84
CA PRO A 386 28.13 -31.59 17.93
C PRO A 386 28.10 -30.13 18.43
N ASP A 387 28.19 -29.95 19.75
CA ASP A 387 28.14 -28.58 20.32
C ASP A 387 29.42 -27.76 20.19
N ALA A 388 30.47 -28.33 19.59
CA ALA A 388 31.72 -27.60 19.33
C ALA A 388 32.04 -27.27 17.84
N PHE A 389 32.85 -26.22 17.62
CA PHE A 389 33.19 -25.86 16.27
C PHE A 389 34.29 -26.77 15.81
N ASN A 390 34.09 -27.45 14.64
CA ASN A 390 35.11 -28.31 14.05
C ASN A 390 34.90 -28.50 12.54
N PRO A 391 35.77 -27.97 11.72
CA PRO A 391 35.55 -28.20 10.31
C PRO A 391 35.63 -29.65 9.98
N ASP A 392 36.48 -30.36 10.68
CA ASP A 392 36.67 -31.78 10.39
C ASP A 392 35.32 -32.49 10.22
N HIS A 393 34.27 -31.87 10.73
CA HIS A 393 32.93 -32.42 10.63
C HIS A 393 32.52 -32.61 9.17
N PHE A 394 33.31 -32.02 8.27
CA PHE A 394 33.03 -32.13 6.86
C PHE A 394 34.26 -32.53 6.06
N LEU A 395 35.12 -33.32 6.69
CA LEU A 395 36.30 -33.79 6.04
C LEU A 395 36.45 -35.25 6.37
N ASP A 396 37.00 -36.02 5.46
CA ASP A 396 37.37 -37.38 5.79
C ASP A 396 38.86 -37.53 6.17
N ALA A 397 39.24 -38.77 6.46
CA ALA A 397 40.62 -39.13 6.68
C ALA A 397 41.54 -38.40 5.69
N ASN A 398 41.29 -38.53 4.39
CA ASN A 398 42.11 -37.83 3.36
C ASN A 398 42.15 -36.30 3.57
N GLY A 399 41.10 -35.74 4.17
CA GLY A 399 40.90 -34.31 4.12
C GLY A 399 40.12 -33.88 2.89
N ALA A 400 39.50 -34.84 2.20
CA ALA A 400 38.53 -34.49 1.13
C ALA A 400 37.21 -34.08 1.76
N LEU A 401 36.46 -33.25 1.05
CA LEU A 401 35.20 -32.75 1.54
C LEU A 401 34.21 -33.89 1.79
N LYS A 402 33.60 -33.92 2.99
CA LYS A 402 32.63 -34.95 3.37
C LYS A 402 31.21 -34.41 3.60
N LYS A 403 30.36 -34.49 2.58
CA LYS A 403 28.98 -34.03 2.69
C LYS A 403 28.18 -35.05 3.49
N THR A 404 27.10 -34.63 4.15
CA THR A 404 26.26 -35.55 4.92
C THR A 404 24.70 -35.34 4.76
N GLU A 405 23.90 -36.38 5.03
CA GLU A 405 22.43 -36.25 4.89
C GLU A 405 21.89 -35.26 5.90
N ALA A 406 22.70 -35.01 6.92
CA ALA A 406 22.23 -34.29 8.08
C ALA A 406 22.33 -32.79 7.89
N PHE A 407 23.29 -32.31 7.10
CA PHE A 407 23.51 -30.86 6.90
C PHE A 407 22.42 -30.30 6.04
N ILE A 408 21.36 -29.78 6.66
CA ILE A 408 20.17 -29.30 5.93
C ILE A 408 19.73 -27.97 6.53
N PRO A 409 20.70 -27.08 6.73
CA PRO A 409 20.41 -25.76 7.30
C PRO A 409 19.43 -24.97 6.45
N PHE A 410 19.15 -25.51 5.27
CA PHE A 410 18.33 -24.89 4.24
C PHE A 410 17.01 -25.62 4.07
N SER A 411 16.74 -26.52 4.97
CA SER A 411 15.62 -27.44 4.87
C SER A 411 15.68 -28.28 3.65
N LEU A 412 14.68 -29.12 3.48
CA LEU A 412 14.54 -29.95 2.30
C LEU A 412 13.14 -30.01 1.79
N GLY A 413 12.98 -30.48 0.56
CA GLY A 413 11.70 -30.61 -0.15
C GLY A 413 11.21 -29.40 -0.92
N LYS A 414 9.90 -29.31 -1.18
CA LYS A 414 9.40 -28.32 -2.13
C LYS A 414 9.73 -26.89 -1.69
N ARG A 415 9.55 -26.62 -0.40
CA ARG A 415 9.77 -25.29 0.15
C ARG A 415 11.25 -24.98 0.44
N ILE A 416 12.13 -25.91 0.19
CA ILE A 416 13.55 -25.74 0.43
C ILE A 416 14.02 -24.37 0.03
N CYS A 417 15.01 -23.81 0.75
CA CYS A 417 15.40 -22.41 0.62
C CYS A 417 15.54 -21.97 -0.84
N LEU A 418 14.87 -20.88 -1.21
CA LEU A 418 14.96 -20.32 -2.55
C LEU A 418 16.32 -19.76 -2.91
N GLY A 419 17.04 -19.35 -1.90
CA GLY A 419 18.29 -18.63 -2.13
C GLY A 419 19.54 -19.43 -1.83
N GLU A 420 19.42 -20.76 -1.79
CA GLU A 420 20.57 -21.57 -1.40
C GLU A 420 21.72 -21.26 -2.33
N GLY A 421 21.45 -21.35 -3.65
CA GLY A 421 22.42 -21.01 -4.69
C GLY A 421 23.09 -19.70 -4.31
N ILE A 422 22.30 -18.66 -4.20
CA ILE A 422 22.82 -17.37 -4.03
C ILE A 422 23.63 -17.32 -2.72
N ALA A 423 23.11 -18.02 -1.74
CA ALA A 423 23.58 -17.94 -0.38
C ALA A 423 24.94 -18.48 -0.30
N ARG A 424 25.12 -19.62 -0.91
CA ARG A 424 26.37 -20.31 -0.90
C ARG A 424 27.40 -19.54 -1.66
N ALA A 425 26.99 -18.94 -2.75
CA ALA A 425 27.89 -18.09 -3.46
C ALA A 425 28.37 -16.96 -2.60
N GLU A 426 27.47 -16.21 -2.02
CA GLU A 426 27.84 -15.12 -1.14
C GLU A 426 28.88 -15.56 -0.11
N LEU A 427 28.59 -16.65 0.58
CA LEU A 427 29.42 -17.06 1.71
C LEU A 427 30.84 -17.32 1.26
N PHE A 428 30.96 -18.02 0.17
CA PHE A 428 32.26 -18.34 -0.35
C PHE A 428 33.02 -17.11 -0.77
N LEU A 429 32.37 -16.30 -1.59
CA LEU A 429 33.05 -15.27 -2.32
C LEU A 429 33.44 -14.24 -1.34
N PHE A 430 32.55 -13.99 -0.39
CA PHE A 430 32.84 -12.97 0.60
C PHE A 430 33.87 -13.48 1.53
N PHE A 431 33.68 -14.70 1.98
CA PHE A 431 34.57 -15.27 2.96
C PHE A 431 36.01 -15.35 2.44
N THR A 432 36.17 -15.82 1.20
CA THR A 432 37.51 -15.94 0.70
C THR A 432 38.12 -14.56 0.41
N THR A 433 37.34 -13.63 -0.11
CA THR A 433 37.92 -12.40 -0.59
C THR A 433 38.42 -11.53 0.55
N ILE A 434 37.61 -11.49 1.60
CA ILE A 434 38.02 -10.84 2.82
C ILE A 434 39.38 -11.40 3.26
N LEU A 435 39.35 -12.70 3.46
CA LEU A 435 40.47 -13.42 3.98
C LEU A 435 41.67 -13.34 3.07
N GLN A 436 41.45 -13.30 1.76
CA GLN A 436 42.55 -13.13 0.85
C GLN A 436 43.33 -11.89 1.23
N ASN A 437 42.62 -10.87 1.68
CA ASN A 437 43.23 -9.58 1.83
C ASN A 437 43.49 -9.16 3.28
N PHE A 438 42.81 -9.81 4.21
CA PHE A 438 42.98 -9.38 5.60
C PHE A 438 43.08 -10.52 6.54
N SER A 439 43.96 -10.35 7.52
CA SER A 439 43.97 -11.21 8.67
C SER A 439 43.10 -10.52 9.71
N MET A 440 42.62 -11.29 10.67
CA MET A 440 41.74 -10.81 11.75
C MET A 440 42.46 -10.51 13.09
N ALA A 441 41.84 -9.69 13.94
CA ALA A 441 42.34 -9.42 15.28
C ALA A 441 41.25 -8.86 16.18
N SER A 442 41.48 -8.93 17.49
CA SER A 442 40.55 -8.47 18.52
C SER A 442 41.25 -8.32 19.87
N PRO A 443 40.76 -7.39 20.70
CA PRO A 443 41.30 -7.17 22.04
C PRO A 443 41.14 -8.39 22.96
N VAL A 444 40.28 -9.32 22.57
CA VAL A 444 39.83 -10.43 23.41
C VAL A 444 40.60 -11.69 23.04
N ALA A 445 41.02 -12.44 24.04
CA ALA A 445 41.76 -13.64 23.78
C ALA A 445 40.83 -14.71 23.24
N PRO A 446 41.32 -15.58 22.33
CA PRO A 446 40.51 -16.68 21.80
C PRO A 446 39.75 -17.47 22.88
N GLU A 447 40.44 -17.81 23.97
CA GLU A 447 39.81 -18.66 24.98
C GLU A 447 38.80 -17.90 25.81
N ASP A 448 38.75 -16.56 25.65
CA ASP A 448 37.75 -15.70 26.31
C ASP A 448 36.54 -15.34 25.46
N ILE A 449 36.49 -15.85 24.24
CA ILE A 449 35.44 -15.51 23.33
C ILE A 449 34.20 -16.32 23.66
N ASP A 450 33.10 -15.63 23.89
CA ASP A 450 31.83 -16.29 24.20
C ASP A 450 31.03 -16.48 22.91
N LEU A 451 30.83 -17.73 22.53
CA LEU A 451 30.09 -18.04 21.33
C LEU A 451 28.60 -18.09 21.54
N THR A 452 28.14 -17.94 22.77
CA THR A 452 26.74 -18.22 23.07
C THR A 452 25.79 -17.39 22.23
N PRO A 453 24.97 -18.07 21.42
CA PRO A 453 24.03 -17.37 20.55
C PRO A 453 23.04 -16.62 21.38
N GLN A 454 22.44 -15.58 20.83
CA GLN A 454 21.48 -14.82 21.60
C GLN A 454 20.15 -15.55 21.72
N GLU A 455 19.75 -16.28 20.67
CA GLU A 455 18.49 -17.09 20.68
C GLU A 455 17.31 -16.23 21.06
N CYS A 456 17.43 -14.98 20.69
CA CYS A 456 16.40 -14.01 20.94
C CYS A 456 15.35 -14.19 19.86
N GLY A 457 14.26 -14.81 20.27
CA GLY A 457 13.15 -15.00 19.36
C GLY A 457 13.36 -16.25 18.58
N VAL A 458 13.04 -16.16 17.31
CA VAL A 458 13.16 -17.33 16.46
C VAL A 458 14.46 -17.48 15.73
N GLY A 459 15.41 -16.62 15.95
CA GLY A 459 16.60 -16.78 15.17
C GLY A 459 17.68 -16.98 16.16
N LYS A 460 18.76 -17.59 15.76
CA LYS A 460 19.94 -17.46 16.62
C LYS A 460 20.76 -16.29 16.12
N ILE A 461 21.23 -15.46 17.05
CA ILE A 461 22.05 -14.30 16.69
C ILE A 461 23.33 -14.24 17.52
N PRO A 462 24.47 -14.13 16.88
CA PRO A 462 25.71 -14.11 17.65
C PRO A 462 25.81 -12.92 18.57
N PRO A 463 26.62 -13.02 19.62
CA PRO A 463 26.88 -11.86 20.43
C PRO A 463 27.60 -10.81 19.61
N THR A 464 27.56 -9.57 20.05
CA THR A 464 28.20 -8.51 19.29
C THR A 464 29.68 -8.51 19.64
N TYR A 465 30.51 -7.95 18.75
CA TYR A 465 31.95 -7.99 18.96
C TYR A 465 32.69 -6.96 18.11
N GLN A 466 33.85 -6.60 18.62
CA GLN A 466 34.77 -5.74 17.94
C GLN A 466 35.64 -6.65 17.14
N ILE A 467 36.00 -6.19 15.95
CA ILE A 467 36.97 -6.88 15.14
C ILE A 467 37.71 -5.80 14.38
N ARG A 468 38.98 -6.07 14.09
CA ARG A 468 39.74 -5.27 13.12
C ARG A 468 40.34 -6.19 12.06
N PHE A 469 40.26 -5.73 10.80
CA PHE A 469 40.86 -6.41 9.67
C PHE A 469 42.21 -5.84 9.34
N LEU A 470 43.17 -6.73 9.09
CA LEU A 470 44.56 -6.34 8.89
C LEU A 470 45.07 -6.76 7.50
N PRO A 471 45.61 -5.81 6.72
CA PRO A 471 46.14 -6.09 5.41
C PRO A 471 47.38 -6.97 5.49
N ARG A 472 47.90 -7.45 4.35
CA ARG A 472 48.96 -8.46 4.35
C ARG A 472 50.37 -8.03 3.80
N HIS A 473 50.41 -7.00 2.97
CA HIS A 473 51.70 -6.34 2.55
C HIS A 473 51.80 -4.87 3.06
N LYS B 10 -20.41 51.63 -8.20
CA LYS B 10 -20.98 50.68 -7.26
C LYS B 10 -21.06 49.28 -7.81
N LEU B 11 -21.97 48.52 -7.22
CA LEU B 11 -22.19 47.12 -7.52
C LEU B 11 -22.61 46.92 -8.96
N PRO B 12 -22.43 45.70 -9.43
CA PRO B 12 -22.68 45.36 -10.83
C PRO B 12 -24.11 45.64 -11.23
N PRO B 13 -24.35 45.91 -12.51
CA PRO B 13 -25.70 46.20 -12.94
C PRO B 13 -26.54 44.96 -12.85
N GLY B 14 -27.82 45.07 -13.19
CA GLY B 14 -28.66 43.91 -13.25
C GLY B 14 -30.11 44.28 -13.08
N PRO B 15 -30.99 43.32 -13.30
CA PRO B 15 -32.44 43.55 -13.24
C PRO B 15 -32.93 44.35 -12.02
N ARG B 16 -33.98 45.13 -12.24
CA ARG B 16 -34.57 45.98 -11.20
C ARG B 16 -35.23 45.05 -10.18
N PRO B 17 -34.70 45.06 -8.96
CA PRO B 17 -35.19 44.24 -7.85
C PRO B 17 -36.47 44.79 -7.25
N LEU B 18 -37.28 43.91 -6.66
CA LEU B 18 -38.33 44.35 -5.75
C LEU B 18 -37.72 44.37 -4.35
N PRO B 19 -38.42 44.89 -3.37
CA PRO B 19 -37.82 45.07 -2.07
C PRO B 19 -37.40 43.84 -1.29
N LEU B 20 -38.24 42.88 -1.01
CA LEU B 20 -37.60 41.68 -0.44
C LEU B 20 -37.86 40.42 -1.28
N LEU B 21 -38.39 40.65 -2.48
CA LEU B 21 -38.46 39.58 -3.42
C LEU B 21 -37.20 39.58 -4.28
N GLY B 22 -36.44 40.67 -4.23
CA GLY B 22 -35.33 40.86 -5.14
C GLY B 22 -35.76 40.60 -6.57
N ASN B 23 -34.95 39.87 -7.30
CA ASN B 23 -35.25 39.68 -8.68
C ASN B 23 -36.11 38.45 -8.96
N LEU B 24 -36.64 37.88 -7.89
CA LEU B 24 -37.19 36.52 -7.87
C LEU B 24 -38.34 36.26 -8.80
N LEU B 25 -39.08 37.29 -9.16
CA LEU B 25 -40.24 37.10 -9.99
C LEU B 25 -39.86 37.20 -11.44
N GLN B 26 -38.59 37.51 -11.64
CA GLN B 26 -38.05 37.58 -12.97
C GLN B 26 -37.29 36.29 -13.34
N MET B 27 -37.16 35.33 -12.44
CA MET B 27 -36.39 34.12 -12.77
C MET B 27 -37.15 33.27 -13.80
N ASP B 28 -36.47 32.28 -14.34
CA ASP B 28 -37.05 31.44 -15.34
C ASP B 28 -37.48 30.21 -14.59
N ARG B 29 -38.39 29.43 -15.16
CA ARG B 29 -38.85 28.28 -14.41
C ARG B 29 -39.02 27.01 -15.24
N ARG B 30 -38.28 25.99 -14.83
CA ARG B 30 -37.54 26.17 -13.59
C ARG B 30 -36.01 26.31 -13.72
N GLY B 31 -35.54 26.71 -14.89
CA GLY B 31 -34.15 26.76 -15.27
C GLY B 31 -33.41 27.91 -14.61
N LEU B 32 -33.27 27.82 -13.30
CA LEU B 32 -32.58 28.84 -12.58
C LEU B 32 -31.30 29.11 -13.29
N LEU B 33 -30.42 28.14 -13.39
CA LEU B 33 -29.20 28.55 -14.06
C LEU B 33 -29.56 29.22 -15.39
N LYS B 34 -30.61 28.71 -16.05
CA LYS B 34 -31.03 29.25 -17.33
C LYS B 34 -31.36 30.72 -17.16
N SER B 35 -31.95 31.05 -16.02
CA SER B 35 -32.26 32.43 -15.69
C SER B 35 -30.96 33.21 -15.68
N PHE B 36 -30.01 32.75 -14.87
CA PHE B 36 -28.71 33.45 -14.79
C PHE B 36 -28.17 33.73 -16.20
N LEU B 37 -28.27 32.77 -17.12
CA LEU B 37 -27.78 32.98 -18.48
C LEU B 37 -28.52 34.07 -19.26
N ARG B 38 -29.82 34.19 -19.05
CA ARG B 38 -30.54 35.25 -19.74
C ARG B 38 -30.04 36.58 -19.25
N PHE B 39 -29.85 36.73 -17.94
CA PHE B 39 -29.20 37.94 -17.38
C PHE B 39 -27.81 38.13 -17.95
N ARG B 40 -27.13 37.06 -18.30
CA ARG B 40 -25.80 37.27 -18.79
C ARG B 40 -25.77 37.97 -20.10
N GLU B 41 -26.68 37.62 -20.99
CA GLU B 41 -26.60 38.17 -22.32
C GLU B 41 -27.10 39.58 -22.39
N LYS B 42 -27.78 39.99 -21.35
CA LYS B 42 -28.16 41.37 -21.22
C LYS B 42 -27.13 42.20 -20.49
N TYR B 43 -26.48 41.62 -19.50
CA TYR B 43 -25.70 42.52 -18.64
C TYR B 43 -24.20 42.24 -18.71
N GLY B 44 -23.84 41.23 -19.51
CA GLY B 44 -22.46 40.78 -19.54
C GLY B 44 -22.09 39.68 -18.56
N ASP B 45 -20.79 39.59 -18.30
CA ASP B 45 -20.23 38.54 -17.47
C ASP B 45 -20.20 38.91 -15.99
N VAL B 46 -20.59 40.14 -15.68
CA VAL B 46 -20.56 40.57 -14.30
C VAL B 46 -21.85 41.33 -13.99
N PHE B 47 -22.87 40.59 -13.58
CA PHE B 47 -24.16 41.17 -13.18
C PHE B 47 -24.57 40.83 -11.74
N THR B 48 -25.45 41.63 -11.14
CA THR B 48 -25.89 41.43 -9.76
C THR B 48 -27.34 40.97 -9.74
N VAL B 49 -27.63 39.85 -9.07
CA VAL B 49 -28.99 39.31 -8.96
C VAL B 49 -29.37 39.34 -7.52
N HIS B 50 -30.60 39.80 -7.26
CA HIS B 50 -31.21 39.86 -5.93
C HIS B 50 -32.02 38.57 -5.68
N LEU B 51 -31.37 37.59 -5.08
CA LEU B 51 -32.05 36.40 -4.65
C LEU B 51 -32.61 36.76 -3.30
N GLY B 52 -33.93 37.02 -3.29
CA GLY B 52 -34.62 37.55 -2.11
C GLY B 52 -33.99 38.85 -1.66
N PRO B 53 -33.92 39.04 -0.35
CA PRO B 53 -33.46 40.34 0.09
C PRO B 53 -31.96 40.51 -0.06
N ARG B 54 -31.28 39.50 -0.62
CA ARG B 54 -29.83 39.53 -0.70
C ARG B 54 -29.28 39.71 -2.11
N PRO B 55 -28.29 40.60 -2.22
CA PRO B 55 -27.57 40.82 -3.45
C PRO B 55 -26.45 39.86 -3.58
N VAL B 56 -26.43 39.18 -4.69
CA VAL B 56 -25.40 38.17 -5.02
C VAL B 56 -24.79 38.39 -6.40
N VAL B 57 -23.51 38.73 -6.39
CA VAL B 57 -22.81 39.04 -7.64
C VAL B 57 -22.49 37.73 -8.32
N MET B 58 -22.77 37.65 -9.62
CA MET B 58 -22.44 36.51 -10.46
C MET B 58 -21.27 36.79 -11.37
N LEU B 59 -20.46 35.80 -11.70
CA LEU B 59 -19.33 36.03 -12.58
C LEU B 59 -19.19 34.95 -13.64
N CYS B 60 -19.10 35.34 -14.90
CA CYS B 60 -19.05 34.34 -16.00
C CYS B 60 -17.78 34.32 -16.90
N GLY B 61 -17.58 33.16 -17.51
CA GLY B 61 -16.44 32.98 -18.39
C GLY B 61 -15.17 32.87 -17.57
N VAL B 62 -14.16 32.33 -18.23
CA VAL B 62 -12.91 31.95 -17.58
C VAL B 62 -12.20 33.16 -17.01
N GLU B 63 -12.13 34.21 -17.85
CA GLU B 63 -11.40 35.43 -17.52
C GLU B 63 -11.88 36.00 -16.19
N ALA B 64 -13.19 36.18 -16.10
CA ALA B 64 -13.81 36.75 -14.94
C ALA B 64 -13.51 35.91 -13.70
N ILE B 65 -13.82 34.61 -13.81
CA ILE B 65 -13.64 33.72 -12.70
C ILE B 65 -12.15 33.76 -12.23
N ARG B 66 -11.22 33.61 -13.17
CA ARG B 66 -9.82 33.62 -12.79
C ARG B 66 -9.36 34.98 -12.22
N GLU B 67 -9.79 36.11 -12.80
CA GLU B 67 -9.42 37.39 -12.21
C GLU B 67 -9.75 37.35 -10.73
N ALA B 68 -10.80 36.64 -10.39
CA ALA B 68 -11.36 36.82 -9.06
C ALA B 68 -10.74 35.88 -8.04
N LEU B 69 -10.63 34.62 -8.40
CA LEU B 69 -10.13 33.67 -7.43
C LEU B 69 -8.63 33.60 -7.43
N VAL B 70 -8.03 33.79 -8.60
CA VAL B 70 -6.56 33.73 -8.71
C VAL B 70 -5.93 35.09 -8.51
N ASP B 71 -6.28 36.02 -9.36
CA ASP B 71 -5.70 37.34 -9.36
C ASP B 71 -6.11 38.14 -8.13
N LYS B 72 -7.30 37.92 -7.63
CA LYS B 72 -7.77 38.63 -6.45
C LYS B 72 -8.19 37.70 -5.29
N ALA B 73 -7.33 36.74 -4.97
CA ALA B 73 -7.58 35.77 -3.92
C ALA B 73 -7.66 36.41 -2.55
N GLU B 74 -6.92 37.50 -2.38
CA GLU B 74 -6.97 38.28 -1.15
C GLU B 74 -8.43 38.61 -0.81
N ALA B 75 -9.22 38.92 -1.83
CA ALA B 75 -10.64 39.27 -1.65
C ALA B 75 -11.63 38.09 -1.74
N PHE B 76 -11.55 37.30 -2.80
CA PHE B 76 -12.65 36.43 -3.15
C PHE B 76 -12.58 35.00 -2.60
N SER B 77 -11.78 34.81 -1.56
CA SER B 77 -11.59 33.45 -1.03
C SER B 77 -12.48 33.04 0.14
N GLY B 78 -13.50 33.82 0.39
CA GLY B 78 -14.48 33.44 1.38
C GLY B 78 -15.47 32.39 0.90
N ARG B 79 -16.12 31.77 1.88
CA ARG B 79 -17.12 30.77 1.64
C ARG B 79 -18.44 31.36 2.08
N GLY B 80 -19.41 31.35 1.22
CA GLY B 80 -20.72 31.80 1.60
C GLY B 80 -21.44 30.90 2.57
N LYS B 81 -22.56 31.43 3.10
CA LYS B 81 -23.38 30.62 3.95
C LYS B 81 -24.36 29.80 3.15
N ILE B 82 -24.72 28.66 3.83
CA ILE B 82 -25.73 27.77 3.35
C ILE B 82 -26.61 27.61 4.54
N ALA B 83 -27.65 28.37 4.57
CA ALA B 83 -28.45 28.45 5.76
C ALA B 83 -28.97 27.10 6.20
N MET B 84 -29.49 26.33 5.26
CA MET B 84 -29.99 25.03 5.58
C MET B 84 -29.08 24.23 6.52
N VAL B 85 -27.76 24.39 6.40
CA VAL B 85 -26.86 23.59 7.25
C VAL B 85 -25.89 24.31 8.18
N ASP B 86 -25.72 25.62 8.03
CA ASP B 86 -24.86 26.38 8.96
C ASP B 86 -25.24 26.28 10.45
N PRO B 87 -26.54 26.12 10.78
CA PRO B 87 -26.90 25.89 12.17
C PRO B 87 -26.23 24.66 12.82
N PHE B 88 -25.85 23.70 11.99
CA PHE B 88 -25.19 22.49 12.47
C PHE B 88 -23.67 22.66 12.53
N PHE B 89 -23.03 23.03 11.42
CA PHE B 89 -21.57 23.05 11.35
C PHE B 89 -20.98 24.24 12.08
N ARG B 90 -21.75 25.33 12.14
CA ARG B 90 -21.45 26.47 13.01
C ARG B 90 -20.09 27.03 12.64
N GLY B 91 -19.74 26.88 11.34
CA GLY B 91 -18.46 27.34 10.75
C GLY B 91 -17.27 26.37 10.74
N TYR B 92 -17.51 25.12 11.16
CA TYR B 92 -16.47 24.12 11.25
C TYR B 92 -16.33 23.27 9.99
N GLY B 93 -15.09 22.97 9.66
CA GLY B 93 -14.76 22.14 8.50
C GLY B 93 -14.23 22.87 7.27
N VAL B 94 -13.44 22.20 6.43
CA VAL B 94 -12.77 22.85 5.32
C VAL B 94 -13.73 23.53 4.36
N ILE B 95 -14.88 22.91 4.08
CA ILE B 95 -15.80 23.46 3.07
C ILE B 95 -16.61 24.61 3.61
N PHE B 96 -16.83 24.61 4.92
CA PHE B 96 -17.53 25.69 5.55
C PHE B 96 -16.71 26.75 6.26
N ALA B 97 -15.50 26.48 6.72
CA ALA B 97 -14.74 27.45 7.55
C ALA B 97 -14.26 28.64 6.75
N ASN B 98 -14.05 29.77 7.41
CA ASN B 98 -13.46 30.93 6.80
C ASN B 98 -12.29 31.40 7.71
N GLY B 99 -11.42 32.22 7.12
CA GLY B 99 -10.41 32.94 7.87
C GLY B 99 -9.36 32.04 8.46
N ASN B 100 -8.90 32.38 9.63
CA ASN B 100 -7.88 31.60 10.27
C ASN B 100 -8.26 30.11 10.45
N ARG B 101 -9.43 29.87 11.03
CA ARG B 101 -10.00 28.52 11.14
C ARG B 101 -9.89 27.69 9.86
N TRP B 102 -10.05 28.32 8.69
CA TRP B 102 -9.93 27.62 7.42
C TRP B 102 -8.51 27.48 6.98
N LYS B 103 -7.78 28.59 7.00
CA LYS B 103 -6.33 28.60 6.69
C LYS B 103 -5.56 27.52 7.45
N VAL B 104 -5.76 27.44 8.77
CA VAL B 104 -5.12 26.41 9.59
C VAL B 104 -5.49 25.01 9.14
N LEU B 105 -6.78 24.80 8.86
CA LEU B 105 -7.30 23.46 8.60
C LEU B 105 -7.07 22.98 7.18
N ARG B 106 -7.11 23.92 6.22
CA ARG B 106 -6.88 23.58 4.83
C ARG B 106 -5.49 22.99 4.75
N ARG B 107 -4.54 23.68 5.37
CA ARG B 107 -3.14 23.23 5.44
C ARG B 107 -2.96 21.81 5.98
N PHE B 108 -3.65 21.49 7.08
CA PHE B 108 -3.44 20.22 7.78
C PHE B 108 -3.92 19.13 6.90
N SER B 109 -5.11 19.31 6.33
CA SER B 109 -5.74 18.31 5.47
C SER B 109 -4.89 18.09 4.23
N VAL B 110 -4.29 19.20 3.75
CA VAL B 110 -3.41 19.18 2.60
C VAL B 110 -2.14 18.34 2.82
N THR B 111 -1.47 18.58 3.96
CA THR B 111 -0.22 17.88 4.29
C THR B 111 -0.56 16.42 4.62
N THR B 112 -1.66 16.21 5.33
CA THR B 112 -2.10 14.86 5.62
C THR B 112 -2.35 13.99 4.37
N MET B 113 -2.92 14.56 3.31
CA MET B 113 -3.11 13.80 2.06
C MET B 113 -1.84 13.64 1.26
N ARG B 114 -0.92 14.57 1.45
CA ARG B 114 0.35 14.56 0.76
C ARG B 114 1.19 13.44 1.38
N ASP B 115 1.09 13.28 2.69
CA ASP B 115 1.93 12.36 3.44
C ASP B 115 1.22 11.08 3.73
N PHE B 116 -0.06 11.05 3.38
CA PHE B 116 -0.87 9.85 3.60
C PHE B 116 -0.25 8.76 2.78
N GLY B 117 -0.38 7.54 3.26
CA GLY B 117 0.16 6.45 2.46
C GLY B 117 1.67 6.48 2.39
N MET B 118 2.28 7.52 2.95
CA MET B 118 3.71 7.55 3.19
C MET B 118 4.03 6.45 4.20
N GLY B 119 3.46 6.56 5.38
CA GLY B 119 3.54 5.49 6.33
C GLY B 119 2.60 4.35 6.03
N LYS B 120 1.32 4.63 5.90
CA LYS B 120 0.28 3.63 5.76
C LYS B 120 -0.07 3.27 4.34
N ARG B 121 -1.18 2.59 4.16
CA ARG B 121 -1.61 2.22 2.83
C ARG B 121 -2.15 3.41 2.09
N SER B 122 -1.74 3.49 0.85
CA SER B 122 -1.94 4.58 -0.08
C SER B 122 -3.39 4.63 -0.53
N VAL B 123 -3.78 5.81 -0.99
CA VAL B 123 -5.11 6.04 -1.46
C VAL B 123 -5.42 5.21 -2.74
N GLU B 124 -4.49 5.25 -3.68
CA GLU B 124 -4.50 4.36 -4.81
C GLU B 124 -4.74 2.91 -4.36
N GLU B 125 -4.00 2.51 -3.33
CA GLU B 125 -4.13 1.15 -2.87
C GLU B 125 -5.60 0.90 -2.54
N ARG B 126 -6.16 1.75 -1.67
CA ARG B 126 -7.56 1.68 -1.27
C ARG B 126 -8.52 1.71 -2.44
N ILE B 127 -8.31 2.58 -3.40
CA ILE B 127 -9.19 2.61 -4.58
C ILE B 127 -9.10 1.28 -5.35
N GLN B 128 -7.89 0.79 -5.60
CA GLN B 128 -7.76 -0.48 -6.27
C GLN B 128 -8.52 -1.61 -5.59
N GLU B 129 -8.47 -1.71 -4.27
CA GLU B 129 -9.25 -2.79 -3.67
C GLU B 129 -10.75 -2.55 -3.76
N GLU B 130 -11.18 -1.30 -3.63
CA GLU B 130 -12.60 -1.08 -3.71
C GLU B 130 -13.04 -1.40 -5.12
N ALA B 131 -12.13 -1.16 -6.03
CA ALA B 131 -12.38 -1.41 -7.42
C ALA B 131 -12.71 -2.88 -7.60
N GLN B 132 -11.79 -3.69 -7.07
CA GLN B 132 -11.88 -5.13 -7.15
C GLN B 132 -13.17 -5.58 -6.47
N CYS B 133 -13.42 -5.08 -5.26
CA CYS B 133 -14.68 -5.35 -4.59
C CYS B 133 -15.87 -5.00 -5.42
N LEU B 134 -15.78 -3.89 -6.12
CA LEU B 134 -16.86 -3.51 -6.99
C LEU B 134 -17.10 -4.55 -8.08
N ILE B 135 -16.02 -4.96 -8.75
CA ILE B 135 -16.18 -5.89 -9.90
C ILE B 135 -16.84 -7.20 -9.51
N GLU B 136 -16.34 -7.87 -8.47
CA GLU B 136 -17.03 -9.05 -7.93
C GLU B 136 -18.49 -8.81 -7.71
N GLU B 137 -18.83 -7.66 -7.13
CA GLU B 137 -20.22 -7.29 -6.94
C GLU B 137 -20.96 -7.22 -8.28
N LEU B 138 -20.32 -6.60 -9.27
CA LEU B 138 -20.94 -6.44 -10.56
C LEU B 138 -21.17 -7.77 -11.27
N ARG B 139 -20.26 -8.70 -11.10
CA ARG B 139 -20.44 -10.02 -11.63
C ARG B 139 -21.49 -10.82 -10.90
N LYS B 140 -21.40 -10.79 -9.59
CA LYS B 140 -22.43 -11.40 -8.75
C LYS B 140 -23.80 -11.08 -9.34
N SER B 141 -23.91 -9.95 -10.05
CA SER B 141 -25.17 -9.57 -10.67
C SER B 141 -25.55 -10.57 -11.76
N LYS B 142 -24.55 -11.09 -12.45
CA LYS B 142 -24.74 -12.09 -13.51
C LYS B 142 -25.46 -11.45 -14.69
N GLY B 143 -24.95 -10.28 -15.08
CA GLY B 143 -25.43 -9.54 -16.24
C GLY B 143 -26.85 -8.98 -16.17
N ALA B 144 -27.42 -8.84 -14.96
CA ALA B 144 -28.80 -8.33 -14.79
C ALA B 144 -28.95 -6.80 -14.88
N LEU B 145 -30.04 -6.34 -15.49
CA LEU B 145 -30.40 -4.90 -15.48
C LEU B 145 -30.42 -4.28 -14.07
N MET B 146 -29.67 -3.20 -13.86
CA MET B 146 -29.71 -2.54 -12.56
C MET B 146 -29.64 -1.01 -12.71
N ASP B 147 -30.14 -0.30 -11.69
CA ASP B 147 -29.79 1.10 -11.49
C ASP B 147 -28.53 1.11 -10.61
N PRO B 148 -27.43 1.70 -11.11
CA PRO B 148 -26.20 1.59 -10.33
C PRO B 148 -26.01 2.71 -9.30
N THR B 149 -26.88 3.72 -9.31
CA THR B 149 -26.82 4.84 -8.37
C THR B 149 -26.31 4.39 -7.02
N PHE B 150 -26.99 3.40 -6.45
CA PHE B 150 -26.66 2.88 -5.12
C PHE B 150 -25.17 2.54 -5.03
N LEU B 151 -24.70 1.71 -5.95
CA LEU B 151 -23.33 1.22 -5.87
C LEU B 151 -22.30 2.34 -6.00
N PHE B 152 -22.59 3.30 -6.86
CA PHE B 152 -21.63 4.33 -7.10
C PHE B 152 -21.50 5.15 -5.86
N GLN B 153 -22.63 5.34 -5.19
CA GLN B 153 -22.61 6.10 -3.98
C GLN B 153 -21.80 5.33 -2.97
N SER B 154 -22.05 4.04 -2.93
CA SER B 154 -21.34 3.16 -2.05
C SER B 154 -19.82 3.24 -2.24
N ILE B 155 -19.36 3.01 -3.45
CA ILE B 155 -17.93 2.91 -3.63
C ILE B 155 -17.19 4.20 -3.32
N THR B 156 -17.86 5.32 -3.49
CA THR B 156 -17.22 6.59 -3.28
C THR B 156 -17.14 6.77 -1.77
N ALA B 157 -18.20 6.40 -1.08
CA ALA B 157 -18.26 6.65 0.32
C ALA B 157 -17.11 5.84 0.82
N ASN B 158 -17.05 4.60 0.36
CA ASN B 158 -16.17 3.62 0.94
C ASN B 158 -14.78 4.20 0.86
N ILE B 159 -14.52 4.97 -0.20
CA ILE B 159 -13.18 5.48 -0.33
C ILE B 159 -12.86 6.43 0.80
N ILE B 160 -13.86 7.11 1.30
CA ILE B 160 -13.58 8.10 2.30
C ILE B 160 -13.61 7.39 3.65
N CYS B 161 -14.52 6.42 3.76
CA CYS B 161 -14.55 5.55 4.91
C CYS B 161 -13.16 4.97 5.13
N SER B 162 -12.60 4.44 4.04
CA SER B 162 -11.31 3.82 4.09
C SER B 162 -10.36 4.84 4.64
N ILE B 163 -10.37 6.06 4.12
CA ILE B 163 -9.35 7.02 4.51
C ILE B 163 -9.47 7.43 5.97
N VAL B 164 -10.70 7.70 6.39
CA VAL B 164 -10.94 8.39 7.60
C VAL B 164 -11.00 7.42 8.75
N PHE B 165 -11.86 6.41 8.62
CA PHE B 165 -11.99 5.35 9.61
C PHE B 165 -10.89 4.28 9.50
N GLY B 166 -10.10 4.29 8.44
CA GLY B 166 -9.19 3.15 8.20
C GLY B 166 -9.86 1.85 7.73
N LYS B 167 -11.11 1.88 7.25
CA LYS B 167 -11.73 0.64 6.75
C LYS B 167 -12.88 0.86 5.76
N ARG B 168 -13.32 -0.19 5.08
CA ARG B 168 -14.46 -0.08 4.18
C ARG B 168 -15.55 -0.93 4.74
N PHE B 169 -16.72 -0.89 4.12
CA PHE B 169 -17.87 -1.65 4.61
C PHE B 169 -18.39 -2.53 3.50
N HIS B 170 -18.95 -3.67 3.87
CA HIS B 170 -19.54 -4.53 2.83
C HIS B 170 -20.75 -3.82 2.24
N TYR B 171 -21.00 -4.06 0.97
CA TYR B 171 -22.06 -3.37 0.27
C TYR B 171 -23.42 -3.65 0.85
N GLN B 172 -23.52 -4.68 1.68
CA GLN B 172 -24.82 -5.09 2.20
C GLN B 172 -25.04 -4.80 3.69
N ASP B 173 -23.95 -4.44 4.36
CA ASP B 173 -23.99 -3.95 5.72
C ASP B 173 -25.11 -2.92 5.86
N GLN B 174 -25.93 -3.14 6.87
CA GLN B 174 -27.14 -2.31 7.13
C GLN B 174 -26.82 -1.01 7.88
N GLU B 175 -25.91 -1.12 8.85
CA GLU B 175 -25.28 0.01 9.49
C GLU B 175 -24.63 0.97 8.46
N PHE B 176 -24.32 0.45 7.28
CA PHE B 176 -23.73 1.25 6.19
C PHE B 176 -24.84 1.89 5.37
N LEU B 177 -25.72 1.04 4.85
CA LEU B 177 -26.78 1.46 3.95
C LEU B 177 -27.67 2.53 4.61
N LYS B 178 -27.94 2.34 5.90
CA LYS B 178 -28.65 3.34 6.70
C LYS B 178 -27.89 4.68 6.64
N MET B 179 -26.66 4.70 7.19
CA MET B 179 -25.78 5.87 7.17
C MET B 179 -25.74 6.55 5.84
N LEU B 180 -25.51 5.76 4.78
CA LEU B 180 -25.52 6.30 3.44
C LEU B 180 -26.84 7.02 3.14
N ASN B 181 -27.96 6.34 3.37
CA ASN B 181 -29.22 6.95 3.02
C ASN B 181 -29.46 8.25 3.71
N LEU B 182 -28.86 8.39 4.88
CA LEU B 182 -28.97 9.60 5.65
C LEU B 182 -28.34 10.74 4.90
N PHE B 183 -27.21 10.51 4.26
CA PHE B 183 -26.64 11.58 3.49
C PHE B 183 -27.51 11.95 2.30
N TYR B 184 -27.70 11.01 1.38
CA TYR B 184 -28.49 11.26 0.19
C TYR B 184 -29.73 12.04 0.60
N GLN B 185 -30.39 11.60 1.66
CA GLN B 185 -31.66 12.19 2.10
C GLN B 185 -31.49 13.67 2.47
N THR B 186 -30.51 13.92 3.35
CA THR B 186 -30.10 15.27 3.76
C THR B 186 -29.80 16.15 2.58
N PHE B 187 -29.06 15.63 1.61
CA PHE B 187 -28.88 16.31 0.32
C PHE B 187 -30.18 16.69 -0.39
N SER B 188 -31.07 15.73 -0.68
CA SER B 188 -32.29 16.03 -1.50
C SER B 188 -33.19 17.01 -0.75
N LEU B 189 -33.10 16.96 0.57
CA LEU B 189 -33.78 17.88 1.43
C LEU B 189 -33.35 19.33 1.20
N ILE B 190 -32.05 19.58 1.14
CA ILE B 190 -31.55 20.93 0.77
C ILE B 190 -31.75 21.22 -0.74
N SER B 191 -31.79 20.14 -1.51
CA SER B 191 -32.06 20.23 -2.93
C SER B 191 -33.56 20.29 -3.19
N SER B 192 -34.36 20.51 -2.14
CA SER B 192 -35.81 20.57 -2.37
C SER B 192 -36.35 21.98 -2.40
N VAL B 193 -37.62 22.09 -2.85
CA VAL B 193 -38.35 23.37 -2.97
C VAL B 193 -38.22 24.33 -1.79
N PHE B 194 -38.38 23.76 -0.60
CA PHE B 194 -38.36 24.47 0.65
C PHE B 194 -36.94 24.81 1.10
N GLY B 195 -35.99 23.90 0.90
CA GLY B 195 -34.58 24.20 1.21
C GLY B 195 -34.13 25.41 0.41
N GLN B 196 -34.62 25.51 -0.81
CA GLN B 196 -34.28 26.64 -1.60
C GLN B 196 -34.79 27.83 -0.88
N LEU B 197 -36.10 27.88 -0.72
CA LEU B 197 -36.77 28.99 -0.03
C LEU B 197 -36.25 29.32 1.38
N PHE B 198 -35.77 28.29 2.07
CA PHE B 198 -35.21 28.49 3.37
C PHE B 198 -33.99 29.40 3.26
N GLU B 199 -33.22 29.21 2.21
CA GLU B 199 -32.17 30.12 1.91
C GLU B 199 -32.72 31.47 1.55
N LEU B 200 -33.98 31.60 1.10
CA LEU B 200 -34.31 32.89 0.65
C LEU B 200 -34.53 33.63 1.93
N PHE B 201 -35.45 33.11 2.71
CA PHE B 201 -35.95 33.82 3.86
C PHE B 201 -35.72 33.14 5.21
N SER B 202 -34.51 32.74 5.49
CA SER B 202 -34.26 31.99 6.71
C SER B 202 -34.44 32.86 7.93
N GLY B 203 -34.53 34.18 7.71
CA GLY B 203 -34.60 35.14 8.82
C GLY B 203 -35.88 35.01 9.60
N PHE B 204 -36.97 34.76 8.87
CA PHE B 204 -38.24 34.49 9.51
C PHE B 204 -38.65 33.03 9.44
N LEU B 205 -38.30 32.35 8.36
CA LEU B 205 -38.74 30.98 8.14
C LEU B 205 -38.17 30.00 9.17
N LYS B 206 -37.12 30.46 9.86
CA LYS B 206 -36.41 29.73 10.92
C LYS B 206 -37.29 29.33 12.08
N HIS B 207 -38.30 30.14 12.36
CA HIS B 207 -39.21 29.95 13.51
C HIS B 207 -40.10 28.71 13.44
N PHE B 208 -40.86 28.62 12.35
CA PHE B 208 -41.57 27.41 11.95
C PHE B 208 -40.68 26.17 11.81
N PRO B 209 -41.29 24.98 11.84
CA PRO B 209 -40.55 23.78 11.46
C PRO B 209 -40.54 23.64 9.95
N GLY B 210 -39.50 23.00 9.42
CA GLY B 210 -39.43 22.81 7.99
C GLY B 210 -38.57 21.61 7.71
N ALA B 211 -37.89 21.65 6.58
CA ALA B 211 -36.93 20.64 6.28
C ALA B 211 -35.69 20.86 7.12
N HIS B 212 -35.43 22.10 7.56
CA HIS B 212 -34.15 22.45 8.20
C HIS B 212 -33.99 21.73 9.51
N ARG B 213 -35.12 21.46 10.13
CA ARG B 213 -35.16 20.84 11.43
C ARG B 213 -34.79 19.38 11.25
N GLN B 214 -35.36 18.82 10.20
CA GLN B 214 -35.15 17.45 9.76
C GLN B 214 -33.69 17.24 9.34
N VAL B 215 -33.12 18.24 8.67
CA VAL B 215 -31.75 18.18 8.19
C VAL B 215 -30.79 18.19 9.36
N TYR B 216 -31.09 19.01 10.34
CA TYR B 216 -30.29 19.07 11.52
C TYR B 216 -30.19 17.71 12.12
N LYS B 217 -31.37 17.12 12.30
CA LYS B 217 -31.54 15.83 12.92
C LYS B 217 -30.73 14.75 12.23
N ASN B 218 -30.90 14.59 10.91
CA ASN B 218 -30.11 13.63 10.14
C ASN B 218 -28.61 13.83 10.43
N LEU B 219 -28.15 15.07 10.34
CA LEU B 219 -26.74 15.32 10.55
C LEU B 219 -26.38 14.98 11.96
N GLN B 220 -27.33 15.14 12.86
CA GLN B 220 -27.04 14.84 14.26
C GLN B 220 -26.75 13.35 14.46
N GLU B 221 -27.60 12.53 13.84
CA GLU B 221 -27.51 11.09 13.89
C GLU B 221 -26.17 10.63 13.34
N ILE B 222 -25.82 11.11 12.14
CA ILE B 222 -24.60 10.69 11.46
C ILE B 222 -23.48 11.08 12.38
N ASN B 223 -23.62 12.26 12.97
CA ASN B 223 -22.54 12.72 13.80
C ASN B 223 -22.21 11.80 14.97
N ALA B 224 -23.25 11.16 15.51
CA ALA B 224 -23.14 10.21 16.62
C ALA B 224 -22.14 9.10 16.31
N TYR B 225 -22.22 8.58 15.09
CA TYR B 225 -21.42 7.48 14.63
C TYR B 225 -19.95 7.87 14.63
N ILE B 226 -19.69 9.12 14.28
CA ILE B 226 -18.34 9.62 14.13
C ILE B 226 -17.68 9.85 15.47
N GLY B 227 -18.46 10.21 16.47
CA GLY B 227 -17.93 10.49 17.80
C GLY B 227 -17.58 9.17 18.41
N HIS B 228 -18.49 8.22 18.17
CA HIS B 228 -18.39 6.86 18.66
C HIS B 228 -17.07 6.30 18.16
N SER B 229 -16.97 6.30 16.84
CA SER B 229 -15.78 5.81 16.19
C SER B 229 -14.50 6.54 16.64
N VAL B 230 -14.56 7.84 16.82
CA VAL B 230 -13.41 8.58 17.31
C VAL B 230 -12.98 8.04 18.66
N GLU B 231 -13.94 7.62 19.50
CA GLU B 231 -13.53 7.12 20.83
C GLU B 231 -12.85 5.77 20.66
N LYS B 232 -13.45 4.87 19.88
CA LYS B 232 -12.86 3.56 19.56
C LYS B 232 -11.43 3.73 19.09
N HIS B 233 -11.17 4.86 18.44
CA HIS B 233 -9.86 5.19 17.97
C HIS B 233 -8.88 5.62 19.08
N ARG B 234 -9.31 6.49 19.99
CA ARG B 234 -8.50 6.91 21.15
C ARG B 234 -8.08 5.69 21.97
N GLU B 235 -9.00 4.72 22.08
CA GLU B 235 -8.73 3.50 22.85
C GLU B 235 -7.67 2.57 22.21
N THR B 236 -7.46 2.71 20.91
CA THR B 236 -6.55 1.82 20.18
C THR B 236 -5.43 2.54 19.44
N LEU B 237 -4.89 3.57 20.06
CA LEU B 237 -4.03 4.44 19.32
C LEU B 237 -2.58 4.05 19.46
N ASP B 238 -1.89 3.79 18.35
CA ASP B 238 -0.44 3.71 18.40
C ASP B 238 0.15 4.98 17.83
N PRO B 239 0.78 5.80 18.68
CA PRO B 239 1.34 7.12 18.31
C PRO B 239 2.35 7.00 17.20
N SER B 240 2.99 5.76 17.04
CA SER B 240 4.03 5.51 16.03
C SER B 240 3.52 4.71 14.82
N ALA B 241 2.22 4.45 14.77
CA ALA B 241 1.62 3.69 13.68
C ALA B 241 0.18 4.12 13.42
N PRO B 242 0.03 5.33 12.93
CA PRO B 242 -1.26 5.89 12.60
C PRO B 242 -1.97 5.12 11.52
N ARG B 243 -3.17 4.55 11.87
CA ARG B 243 -3.89 3.77 10.83
C ARG B 243 -4.61 4.62 9.81
N ASP B 244 -5.17 5.76 10.21
CA ASP B 244 -6.08 6.55 9.35
C ASP B 244 -6.08 8.07 9.55
N LEU B 245 -7.09 8.75 9.03
CA LEU B 245 -7.12 10.20 9.09
C LEU B 245 -7.44 10.67 10.51
N ILE B 246 -8.29 9.90 11.17
CA ILE B 246 -8.65 10.10 12.55
C ILE B 246 -7.38 10.00 13.41
N ASP B 247 -6.77 8.82 13.39
CA ASP B 247 -5.54 8.59 14.08
C ASP B 247 -4.63 9.80 13.85
N THR B 248 -4.46 10.23 12.61
CA THR B 248 -3.56 11.37 12.34
C THR B 248 -4.03 12.70 12.93
N TYR B 249 -5.34 12.91 12.98
CA TYR B 249 -5.86 14.11 13.62
C TYR B 249 -5.62 14.05 15.13
N LEU B 250 -5.97 12.93 15.75
CA LEU B 250 -5.82 12.80 17.19
C LEU B 250 -4.41 13.08 17.60
N LEU B 251 -3.47 12.60 16.80
CA LEU B 251 -2.07 12.79 17.10
C LEU B 251 -1.70 14.25 16.97
N HIS B 252 -2.31 14.94 16.01
CA HIS B 252 -1.95 16.33 15.75
C HIS B 252 -2.30 17.12 16.95
N MET B 253 -3.42 16.76 17.54
CA MET B 253 -3.93 17.41 18.72
C MET B 253 -3.00 17.35 19.91
N GLU B 254 -2.36 16.19 20.11
CA GLU B 254 -1.49 16.00 21.25
C GLU B 254 -0.23 16.82 21.08
N LYS B 255 0.40 16.72 19.90
CA LYS B 255 1.58 17.55 19.61
C LYS B 255 1.19 19.03 19.62
N GLU B 256 -0.10 19.26 19.43
CA GLU B 256 -0.62 20.60 19.37
C GLU B 256 -0.94 21.15 20.75
N LYS B 257 -1.40 20.28 21.65
CA LYS B 257 -1.69 20.68 23.03
C LYS B 257 -0.41 21.23 23.77
N SER B 258 0.79 20.85 23.30
CA SER B 258 2.05 21.32 23.89
C SER B 258 2.51 22.71 23.35
N ASN B 259 1.63 23.37 22.60
CA ASN B 259 1.99 24.60 21.86
C ASN B 259 1.12 25.84 22.04
N ALA B 260 0.85 26.26 23.28
CA ALA B 260 0.24 27.55 23.56
C ALA B 260 -1.25 27.67 23.34
N GLU B 263 -5.42 26.20 18.11
CA GLU B 263 -6.25 26.70 17.01
C GLU B 263 -6.68 25.53 16.15
N PHE B 264 -5.87 24.52 16.22
CA PHE B 264 -6.28 23.33 15.65
C PHE B 264 -7.16 22.77 16.75
N SER B 265 -6.75 22.99 18.00
CA SER B 265 -7.45 22.39 19.11
C SER B 265 -8.71 23.13 19.54
N HIS B 266 -8.93 24.30 18.96
CA HIS B 266 -10.14 25.06 19.19
C HIS B 266 -11.25 24.55 18.27
N GLN B 267 -11.15 23.32 17.79
CA GLN B 267 -11.89 22.92 16.60
C GLN B 267 -12.54 21.60 16.86
N ASN B 268 -13.77 21.45 16.39
CA ASN B 268 -14.57 20.27 16.66
C ASN B 268 -14.10 19.18 15.74
N LEU B 269 -13.62 18.10 16.34
CA LEU B 269 -13.08 17.03 15.57
C LEU B 269 -14.16 16.37 14.72
N ASN B 270 -15.25 15.97 15.37
CA ASN B 270 -16.34 15.35 14.67
C ASN B 270 -16.72 16.15 13.45
N LEU B 271 -17.05 17.43 13.65
CA LEU B 271 -17.63 18.25 12.60
C LEU B 271 -16.68 18.30 11.43
N ASN B 272 -15.42 18.50 11.72
CA ASN B 272 -14.42 18.59 10.68
C ASN B 272 -14.48 17.39 9.78
N THR B 273 -14.67 16.25 10.44
CA THR B 273 -14.77 14.93 9.81
C THR B 273 -16.05 14.79 9.07
N LEU B 274 -17.16 15.12 9.71
CA LEU B 274 -18.44 14.99 9.07
C LEU B 274 -18.41 15.83 7.80
N SER B 275 -17.82 17.02 7.93
CA SER B 275 -17.83 17.99 6.85
C SER B 275 -17.10 17.43 5.67
N LEU B 276 -16.11 16.60 5.93
CA LEU B 276 -15.31 16.06 4.86
C LEU B 276 -16.14 15.04 4.08
N PHE B 277 -16.85 14.20 4.82
CA PHE B 277 -17.76 13.30 4.25
C PHE B 277 -18.76 14.01 3.42
N PHE B 278 -19.32 15.04 4.00
CA PHE B 278 -20.33 15.85 3.38
C PHE B 278 -19.80 16.36 2.09
N ALA B 279 -18.70 17.07 2.17
CA ALA B 279 -18.02 17.60 1.00
C ALA B 279 -17.90 16.60 -0.14
N GLY B 280 -17.52 15.35 0.17
CA GLY B 280 -17.30 14.32 -0.85
C GLY B 280 -18.52 13.62 -1.42
N THR B 281 -19.70 13.93 -0.90
CA THR B 281 -20.94 13.24 -1.23
C THR B 281 -21.48 13.77 -2.53
N GLU B 282 -22.20 12.93 -3.26
CA GLU B 282 -22.93 13.32 -4.49
C GLU B 282 -22.04 14.01 -5.48
N THR B 283 -20.81 13.52 -5.58
CA THR B 283 -19.76 14.17 -6.36
C THR B 283 -19.24 13.29 -7.42
N THR B 284 -18.46 12.28 -7.04
CA THR B 284 -17.94 11.38 -8.02
C THR B 284 -19.01 10.38 -8.41
N SER B 285 -19.80 9.95 -7.44
CA SER B 285 -20.87 9.00 -7.74
C SER B 285 -21.77 9.57 -8.83
N THR B 286 -21.96 10.88 -8.81
CA THR B 286 -22.83 11.47 -9.77
C THR B 286 -22.14 11.51 -11.12
N THR B 287 -20.90 11.97 -11.13
CA THR B 287 -20.11 12.00 -12.37
C THR B 287 -19.98 10.60 -12.98
N LEU B 288 -19.72 9.61 -12.13
CA LEU B 288 -19.64 8.24 -12.58
C LEU B 288 -20.99 7.77 -13.11
N ARG B 289 -22.05 8.19 -12.42
CA ARG B 289 -23.38 7.87 -12.89
C ARG B 289 -23.50 8.46 -14.29
N TYR B 290 -23.19 9.73 -14.42
CA TYR B 290 -23.28 10.37 -15.69
C TYR B 290 -22.43 9.62 -16.72
N GLY B 291 -21.16 9.39 -16.37
CA GLY B 291 -20.23 8.65 -17.23
C GLY B 291 -20.82 7.44 -17.94
N PHE B 292 -21.64 6.64 -17.28
CA PHE B 292 -22.04 5.37 -17.90
C PHE B 292 -23.33 5.46 -18.66
N LEU B 293 -24.04 6.56 -18.47
CA LEU B 293 -25.12 6.83 -19.34
C LEU B 293 -24.44 7.16 -20.65
N LEU B 294 -23.41 7.99 -20.58
CA LEU B 294 -22.71 8.51 -21.78
C LEU B 294 -22.12 7.39 -22.63
N MET B 295 -21.51 6.40 -22.00
CA MET B 295 -20.99 5.27 -22.75
C MET B 295 -22.10 4.41 -23.28
N LEU B 296 -23.34 4.61 -22.81
CA LEU B 296 -24.49 3.89 -23.40
C LEU B 296 -24.95 4.66 -24.62
N LYS B 297 -24.90 6.00 -24.54
CA LYS B 297 -25.20 6.82 -25.71
C LYS B 297 -24.14 6.73 -26.81
N TYR B 298 -22.88 6.55 -26.41
CA TYR B 298 -21.76 6.56 -27.40
C TYR B 298 -20.91 5.27 -27.27
N PRO B 299 -21.42 4.15 -27.79
CA PRO B 299 -20.79 2.86 -27.47
C PRO B 299 -19.42 2.69 -28.15
N HIS B 300 -19.20 3.52 -29.16
CA HIS B 300 -18.00 3.47 -29.98
C HIS B 300 -16.89 4.16 -29.19
N VAL B 301 -17.30 5.09 -28.33
CA VAL B 301 -16.38 5.73 -27.38
C VAL B 301 -15.99 4.66 -26.39
N ALA B 302 -16.99 3.97 -25.87
CA ALA B 302 -16.77 2.91 -24.88
C ALA B 302 -15.79 1.87 -25.43
N GLU B 303 -16.05 1.38 -26.66
CA GLU B 303 -15.19 0.39 -27.26
C GLU B 303 -13.77 0.92 -27.41
N ARG B 304 -13.65 2.16 -27.87
CA ARG B 304 -12.33 2.75 -28.09
C ARG B 304 -11.48 2.73 -26.80
N VAL B 305 -12.05 3.16 -25.69
CA VAL B 305 -11.38 3.15 -24.38
C VAL B 305 -10.92 1.73 -24.04
N TYR B 306 -11.84 0.78 -24.10
CA TYR B 306 -11.49 -0.61 -23.86
C TYR B 306 -10.19 -1.00 -24.57
N ARG B 307 -10.20 -0.82 -25.88
CA ARG B 307 -9.05 -1.09 -26.72
C ARG B 307 -7.80 -0.43 -26.22
N GLU B 308 -7.88 0.83 -25.82
CA GLU B 308 -6.72 1.45 -25.17
C GLU B 308 -6.26 0.64 -23.94
N ILE B 309 -7.21 0.26 -23.08
CA ILE B 309 -6.87 -0.45 -21.88
C ILE B 309 -6.18 -1.75 -22.26
N GLU B 310 -6.80 -2.45 -23.19
CA GLU B 310 -6.33 -3.77 -23.56
C GLU B 310 -4.97 -3.60 -24.18
N GLN B 311 -4.85 -2.58 -24.99
CA GLN B 311 -3.58 -2.20 -25.51
C GLN B 311 -2.58 -1.91 -24.38
N VAL B 312 -2.96 -1.10 -23.40
CA VAL B 312 -1.96 -0.59 -22.46
C VAL B 312 -1.79 -1.45 -21.21
N ILE B 313 -2.93 -1.87 -20.62
CA ILE B 313 -2.94 -2.64 -19.36
C ILE B 313 -3.09 -4.13 -19.59
N GLY B 314 -3.89 -4.50 -20.59
CA GLY B 314 -4.26 -5.90 -20.80
C GLY B 314 -5.48 -6.28 -19.96
N PRO B 315 -5.98 -7.52 -20.11
CA PRO B 315 -7.21 -8.00 -19.46
C PRO B 315 -7.10 -8.39 -17.99
N HIS B 316 -5.89 -8.73 -17.55
CA HIS B 316 -5.69 -9.26 -16.21
C HIS B 316 -5.41 -8.24 -15.11
N ARG B 317 -4.24 -7.60 -15.17
CA ARG B 317 -3.73 -6.83 -14.04
C ARG B 317 -4.55 -5.60 -13.84
N PRO B 318 -4.73 -5.22 -12.57
CA PRO B 318 -5.47 -4.02 -12.15
C PRO B 318 -4.87 -2.72 -12.60
N PRO B 319 -5.58 -1.96 -13.44
CA PRO B 319 -5.17 -0.62 -13.80
C PRO B 319 -4.69 0.11 -12.59
N GLU B 320 -3.76 1.02 -12.78
CA GLU B 320 -3.15 1.77 -11.71
C GLU B 320 -2.88 3.17 -12.21
N LEU B 321 -2.54 4.08 -11.30
CA LEU B 321 -2.49 5.49 -11.67
C LEU B 321 -1.40 5.78 -12.68
N HIS B 322 -0.36 4.97 -12.65
CA HIS B 322 0.75 5.20 -13.55
C HIS B 322 0.33 5.08 -15.01
N ASP B 323 -0.59 4.13 -15.30
CA ASP B 323 -1.12 3.91 -16.64
C ASP B 323 -1.65 5.17 -17.28
N ARG B 324 -2.23 6.03 -16.47
CA ARG B 324 -2.85 7.26 -16.91
C ARG B 324 -2.05 7.88 -18.06
N ALA B 325 -0.83 8.36 -17.78
CA ALA B 325 -0.03 9.04 -18.80
C ALA B 325 -0.14 8.33 -20.14
N LYS B 326 0.03 7.02 -20.14
CA LYS B 326 0.08 6.25 -21.39
C LYS B 326 -1.26 5.97 -22.09
N MET B 327 -2.32 6.57 -21.54
CA MET B 327 -3.69 6.37 -22.00
C MET B 327 -4.39 7.71 -22.25
N PRO B 328 -3.98 8.43 -23.24
CA PRO B 328 -4.54 9.76 -23.41
C PRO B 328 -5.96 9.80 -23.93
N TYR B 329 -6.46 8.77 -24.58
CA TYR B 329 -7.83 8.85 -25.01
C TYR B 329 -8.74 8.73 -23.82
N THR B 330 -8.48 7.76 -22.99
CA THR B 330 -9.22 7.60 -21.72
C THR B 330 -9.18 8.89 -20.92
N GLU B 331 -8.00 9.38 -20.58
CA GLU B 331 -7.93 10.64 -19.86
C GLU B 331 -8.81 11.70 -20.54
N ALA B 332 -8.85 11.69 -21.85
CA ALA B 332 -9.70 12.66 -22.52
C ALA B 332 -11.17 12.35 -22.37
N VAL B 333 -11.51 11.06 -22.33
CA VAL B 333 -12.92 10.68 -22.27
C VAL B 333 -13.46 11.07 -20.90
N ILE B 334 -12.63 10.84 -19.88
CA ILE B 334 -13.00 11.21 -18.53
C ILE B 334 -13.06 12.73 -18.43
N TYR B 335 -12.15 13.44 -19.09
CA TYR B 335 -12.24 14.90 -19.02
C TYR B 335 -13.59 15.38 -19.56
N GLU B 336 -13.96 14.88 -20.74
CA GLU B 336 -15.14 15.37 -21.42
C GLU B 336 -16.31 15.11 -20.51
N ILE B 337 -16.33 13.93 -19.91
CA ILE B 337 -17.39 13.55 -18.98
C ILE B 337 -17.58 14.53 -17.84
N GLN B 338 -16.49 14.83 -17.15
CA GLN B 338 -16.51 15.86 -16.13
C GLN B 338 -16.96 17.19 -16.68
N ARG B 339 -16.49 17.57 -17.84
CA ARG B 339 -16.96 18.80 -18.45
C ARG B 339 -18.40 18.77 -18.85
N PHE B 340 -18.87 17.67 -19.38
CA PHE B 340 -20.22 17.69 -19.93
C PHE B 340 -21.24 17.64 -18.79
N SER B 341 -20.87 16.98 -17.68
CA SER B 341 -21.74 16.69 -16.53
C SER B 341 -22.06 17.91 -15.69
N ASP B 342 -21.07 18.81 -15.59
CA ASP B 342 -21.28 20.11 -14.96
C ASP B 342 -21.92 19.94 -13.59
N LEU B 343 -21.36 19.03 -12.81
CA LEU B 343 -21.82 18.73 -11.46
C LEU B 343 -22.47 19.86 -10.64
N LEU B 344 -21.70 20.94 -10.43
CA LEU B 344 -22.16 22.14 -9.76
C LEU B 344 -22.08 23.35 -10.68
N PRO B 345 -23.15 23.63 -11.43
CA PRO B 345 -22.98 24.68 -12.45
C PRO B 345 -22.54 25.98 -11.82
N MET B 346 -22.76 26.13 -10.52
CA MET B 346 -22.43 27.42 -9.90
C MET B 346 -21.44 27.41 -8.75
N GLY B 347 -20.66 26.34 -8.73
CA GLY B 347 -19.60 26.19 -7.78
C GLY B 347 -20.22 26.30 -6.43
N VAL B 348 -19.47 26.68 -5.43
CA VAL B 348 -20.02 26.85 -4.11
C VAL B 348 -19.96 28.32 -3.88
N PRO B 349 -20.89 28.87 -3.11
CA PRO B 349 -20.88 30.27 -2.80
C PRO B 349 -19.59 30.78 -2.14
N HIS B 350 -19.15 31.94 -2.58
CA HIS B 350 -18.04 32.62 -1.97
C HIS B 350 -18.60 33.87 -1.34
N ILE B 351 -17.87 34.49 -0.44
CA ILE B 351 -18.17 35.88 -0.10
C ILE B 351 -16.86 36.58 -0.23
N VAL B 352 -16.88 37.89 -0.50
CA VAL B 352 -15.64 38.67 -0.52
C VAL B 352 -15.26 39.08 0.90
N THR B 353 -13.98 39.02 1.22
CA THR B 353 -13.56 39.31 2.60
C THR B 353 -13.07 40.72 2.86
N GLN B 354 -12.54 41.41 1.84
CA GLN B 354 -12.19 42.84 1.96
C GLN B 354 -13.01 43.56 0.90
N HIS B 355 -13.21 44.87 1.09
CA HIS B 355 -13.84 45.69 0.06
C HIS B 355 -12.87 45.65 -1.11
N THR B 356 -13.38 45.59 -2.34
CA THR B 356 -12.51 45.38 -3.52
C THR B 356 -13.04 45.94 -4.83
N SER B 357 -12.10 46.29 -5.71
CA SER B 357 -12.44 46.78 -7.01
C SER B 357 -12.37 45.65 -8.03
N PHE B 358 -13.49 45.37 -8.69
CA PHE B 358 -13.50 44.38 -9.73
C PHE B 358 -14.12 44.89 -11.03
N ARG B 359 -13.28 45.02 -12.06
CA ARG B 359 -13.69 45.59 -13.33
C ARG B 359 -14.32 46.96 -13.13
N GLY B 360 -13.71 47.74 -12.23
CA GLY B 360 -14.20 49.07 -11.83
C GLY B 360 -15.62 49.11 -11.27
N TYR B 361 -15.97 48.10 -10.46
CA TYR B 361 -17.20 48.05 -9.68
C TYR B 361 -16.77 47.85 -8.24
N ILE B 362 -17.50 48.44 -7.30
CA ILE B 362 -17.06 48.32 -5.92
C ILE B 362 -17.95 47.40 -5.10
N ILE B 363 -17.33 46.27 -4.77
CA ILE B 363 -17.96 45.16 -4.07
C ILE B 363 -17.58 45.17 -2.60
N PRO B 364 -18.58 45.38 -1.74
CA PRO B 364 -18.42 45.54 -0.31
C PRO B 364 -18.02 44.26 0.38
N LYS B 365 -17.38 44.42 1.54
CA LYS B 365 -17.14 43.28 2.41
C LYS B 365 -18.43 42.49 2.56
N ASP B 366 -18.32 41.16 2.61
CA ASP B 366 -19.42 40.23 2.92
C ASP B 366 -20.53 40.13 1.86
N THR B 367 -20.21 40.36 0.59
CA THR B 367 -21.16 40.06 -0.48
C THR B 367 -21.06 38.62 -0.97
N GLU B 368 -22.17 37.95 -1.15
CA GLU B 368 -22.20 36.64 -1.75
C GLU B 368 -21.84 36.73 -3.21
N VAL B 369 -21.14 35.74 -3.70
CA VAL B 369 -20.51 35.69 -5.02
C VAL B 369 -20.61 34.27 -5.57
N PHE B 370 -20.96 34.11 -6.82
CA PHE B 370 -21.10 32.80 -7.46
C PHE B 370 -20.18 32.68 -8.64
N LEU B 371 -19.44 31.59 -8.80
CA LEU B 371 -18.63 31.47 -9.97
C LEU B 371 -19.30 30.51 -10.90
N ILE B 372 -20.14 31.04 -11.79
CA ILE B 372 -20.87 30.25 -12.76
C ILE B 372 -19.64 29.58 -13.37
N LEU B 373 -19.50 28.29 -13.11
CA LEU B 373 -18.60 27.42 -13.77
C LEU B 373 -19.13 26.79 -15.04
N SER B 374 -20.42 26.78 -15.25
CA SER B 374 -20.98 26.12 -16.41
C SER B 374 -20.68 26.89 -17.61
N THR B 375 -20.57 28.19 -17.46
CA THR B 375 -20.11 29.04 -18.55
C THR B 375 -18.66 28.79 -19.00
N ALA B 376 -17.71 28.55 -18.06
CA ALA B 376 -16.36 28.19 -18.46
C ALA B 376 -16.44 26.89 -19.22
N LEU B 377 -16.96 25.83 -18.58
CA LEU B 377 -17.12 24.54 -19.22
C LEU B 377 -17.85 24.54 -20.60
N HIS B 378 -18.64 25.56 -20.89
CA HIS B 378 -19.34 25.63 -22.19
C HIS B 378 -18.90 26.79 -23.09
N ASP B 379 -17.71 27.31 -22.82
CA ASP B 379 -17.16 28.42 -23.61
C ASP B 379 -16.86 27.87 -25.02
N PRO B 380 -17.56 28.40 -26.03
CA PRO B 380 -17.39 27.84 -27.38
C PRO B 380 -16.01 28.17 -27.94
N HIS B 381 -15.42 29.26 -27.47
CA HIS B 381 -14.06 29.62 -27.81
C HIS B 381 -13.10 28.50 -27.42
N TYR B 382 -13.39 27.80 -26.33
CA TYR B 382 -12.52 26.72 -25.91
C TYR B 382 -13.07 25.34 -26.31
N PHE B 383 -14.37 25.19 -26.35
CA PHE B 383 -14.96 23.94 -26.79
C PHE B 383 -15.90 24.12 -27.91
N GLU B 384 -15.51 23.76 -29.09
CA GLU B 384 -16.32 23.80 -30.28
C GLU B 384 -17.61 23.09 -29.95
N LYS B 385 -18.73 23.78 -30.16
CA LYS B 385 -20.07 23.19 -30.11
C LYS B 385 -20.30 22.52 -28.75
N PRO B 386 -20.25 23.32 -27.68
CA PRO B 386 -20.02 22.79 -26.34
C PRO B 386 -21.14 21.95 -25.72
N ASP B 387 -22.38 22.04 -26.38
CA ASP B 387 -23.53 21.31 -25.82
C ASP B 387 -23.57 19.80 -26.17
N ALA B 388 -22.56 19.30 -26.87
CA ALA B 388 -22.48 17.86 -27.21
C ALA B 388 -21.30 17.14 -26.58
N PHE B 389 -21.46 15.81 -26.42
CA PHE B 389 -20.39 14.95 -25.88
C PHE B 389 -19.39 14.65 -26.97
N ASN B 390 -18.17 15.13 -26.76
CA ASN B 390 -17.08 14.83 -27.64
C ASN B 390 -15.73 14.83 -26.92
N PRO B 391 -15.11 13.63 -26.76
CA PRO B 391 -13.81 13.60 -26.11
C PRO B 391 -12.76 14.38 -26.93
N ASP B 392 -13.02 14.56 -28.19
CA ASP B 392 -12.10 15.27 -29.04
C ASP B 392 -11.88 16.69 -28.59
N HIS B 393 -12.57 17.08 -27.55
CA HIS B 393 -12.40 18.40 -26.96
C HIS B 393 -11.07 18.44 -26.19
N PHE B 394 -10.55 17.26 -25.84
CA PHE B 394 -9.31 17.16 -25.09
C PHE B 394 -8.20 16.41 -25.81
N LEU B 395 -8.23 16.43 -27.14
CA LEU B 395 -7.23 15.75 -27.94
C LEU B 395 -6.88 16.69 -29.05
N ASP B 396 -5.63 16.69 -29.48
CA ASP B 396 -5.21 17.48 -30.63
C ASP B 396 -5.17 16.61 -31.88
N ALA B 397 -4.75 17.20 -32.98
CA ALA B 397 -4.58 16.47 -34.24
C ALA B 397 -3.88 15.13 -34.01
N ASN B 398 -2.75 15.14 -33.29
CA ASN B 398 -2.02 13.88 -33.03
C ASN B 398 -2.87 12.82 -32.34
N GLY B 399 -3.84 13.26 -31.53
CA GLY B 399 -4.50 12.39 -30.55
C GLY B 399 -3.77 12.37 -29.19
N ALA B 400 -2.84 13.31 -28.97
CA ALA B 400 -2.30 13.54 -27.62
C ALA B 400 -3.33 14.31 -26.79
N LEU B 401 -3.16 14.22 -25.47
CA LEU B 401 -4.06 14.90 -24.51
C LEU B 401 -3.92 16.43 -24.58
N LYS B 402 -5.03 17.13 -24.79
CA LYS B 402 -5.04 18.61 -24.86
C LYS B 402 -5.81 19.26 -23.69
N LYS B 403 -5.06 19.65 -22.66
CA LYS B 403 -5.63 20.29 -21.48
C LYS B 403 -6.02 21.69 -21.91
N THR B 404 -6.88 22.36 -21.14
CA THR B 404 -7.27 23.73 -21.47
C THR B 404 -7.46 24.63 -20.22
N GLU B 405 -7.24 25.93 -20.35
CA GLU B 405 -7.43 26.88 -19.22
C GLU B 405 -8.84 26.77 -18.69
N ALA B 406 -9.75 26.37 -19.59
CA ALA B 406 -11.20 26.45 -19.38
C ALA B 406 -11.80 25.30 -18.59
N PHE B 407 -11.15 24.16 -18.61
CA PHE B 407 -11.60 23.02 -17.78
C PHE B 407 -11.28 23.23 -16.30
N ILE B 408 -12.27 23.75 -15.56
CA ILE B 408 -12.08 24.10 -14.16
C ILE B 408 -13.28 23.67 -13.31
N PRO B 409 -13.81 22.48 -13.58
CA PRO B 409 -14.95 21.95 -12.84
C PRO B 409 -14.72 22.02 -11.33
N PHE B 410 -13.48 21.84 -10.90
CA PHE B 410 -13.14 21.88 -9.49
C PHE B 410 -12.86 23.31 -9.03
N SER B 411 -13.09 24.27 -9.89
CA SER B 411 -12.85 25.67 -9.57
C SER B 411 -11.41 26.02 -9.64
N LEU B 412 -11.08 27.24 -9.21
CA LEU B 412 -9.68 27.67 -9.08
C LEU B 412 -9.46 28.41 -7.76
N GLY B 413 -8.18 28.71 -7.47
CA GLY B 413 -7.78 29.59 -6.39
C GLY B 413 -7.72 28.89 -5.05
N LYS B 414 -7.76 29.68 -3.97
CA LYS B 414 -7.70 29.10 -2.63
C LYS B 414 -8.80 28.07 -2.42
N ARG B 415 -10.03 28.44 -2.69
CA ARG B 415 -11.12 27.48 -2.61
C ARG B 415 -11.14 26.49 -3.79
N ILE B 416 -9.99 25.99 -4.24
CA ILE B 416 -10.07 24.95 -5.27
C ILE B 416 -10.29 23.59 -4.64
N CYS B 417 -10.98 22.70 -5.36
CA CYS B 417 -11.50 21.49 -4.66
C CYS B 417 -10.46 20.76 -3.81
N LEU B 418 -10.77 20.51 -2.55
CA LEU B 418 -9.86 19.75 -1.69
C LEU B 418 -9.59 18.34 -2.15
N GLY B 419 -10.55 17.70 -2.79
CA GLY B 419 -10.46 16.32 -3.18
C GLY B 419 -10.27 16.08 -4.65
N GLU B 420 -9.65 17.04 -5.36
CA GLU B 420 -9.36 16.87 -6.79
C GLU B 420 -8.49 15.67 -6.95
N GLY B 421 -7.42 15.60 -6.16
CA GLY B 421 -6.50 14.49 -6.27
C GLY B 421 -7.26 13.18 -6.16
N ILE B 422 -7.98 13.02 -5.07
CA ILE B 422 -8.77 11.84 -4.86
C ILE B 422 -9.85 11.61 -5.91
N ALA B 423 -10.50 12.64 -6.38
CA ALA B 423 -11.56 12.45 -7.34
C ALA B 423 -11.05 11.92 -8.70
N ARG B 424 -9.89 12.51 -9.05
CA ARG B 424 -9.37 12.11 -10.32
C ARG B 424 -8.89 10.69 -10.25
N ALA B 425 -8.33 10.33 -9.12
CA ALA B 425 -7.95 9.00 -8.88
C ALA B 425 -9.18 8.14 -9.00
N GLU B 426 -10.20 8.42 -8.24
CA GLU B 426 -11.38 7.57 -8.30
C GLU B 426 -11.91 7.35 -9.75
N LEU B 427 -12.09 8.43 -10.49
CA LEU B 427 -12.76 8.34 -11.77
C LEU B 427 -12.00 7.45 -12.76
N PHE B 428 -10.68 7.63 -12.81
CA PHE B 428 -9.80 6.82 -13.65
C PHE B 428 -9.85 5.35 -13.28
N LEU B 429 -9.65 5.08 -11.99
CA LEU B 429 -9.41 3.72 -11.52
C LEU B 429 -10.70 2.96 -11.60
N PHE B 430 -11.80 3.59 -11.22
CA PHE B 430 -13.09 2.92 -11.30
C PHE B 430 -13.48 2.81 -12.73
N PHE B 431 -13.22 3.83 -13.51
CA PHE B 431 -13.70 3.80 -14.87
C PHE B 431 -13.00 2.73 -15.69
N THR B 432 -11.68 2.67 -15.58
CA THR B 432 -10.94 1.68 -16.34
C THR B 432 -11.26 0.27 -15.81
N THR B 433 -11.41 0.11 -14.50
CA THR B 433 -11.42 -1.23 -13.92
C THR B 433 -12.72 -1.91 -14.22
N ILE B 434 -13.79 -1.16 -14.13
CA ILE B 434 -15.08 -1.61 -14.62
C ILE B 434 -14.94 -2.07 -16.10
N LEU B 435 -14.42 -1.15 -16.93
CA LEU B 435 -14.36 -1.33 -18.33
C LEU B 435 -13.47 -2.47 -18.74
N GLN B 436 -12.31 -2.57 -18.08
CA GLN B 436 -11.41 -3.72 -18.32
C GLN B 436 -12.18 -5.04 -18.29
N ASN B 437 -13.13 -5.16 -17.35
CA ASN B 437 -13.81 -6.42 -17.07
C ASN B 437 -15.21 -6.54 -17.60
N PHE B 438 -15.83 -5.43 -17.99
CA PHE B 438 -17.21 -5.47 -18.48
C PHE B 438 -17.47 -4.55 -19.67
N SER B 439 -18.36 -5.03 -20.57
CA SER B 439 -18.94 -4.19 -21.57
C SER B 439 -20.31 -3.80 -21.06
N MET B 440 -20.87 -2.72 -21.58
CA MET B 440 -22.18 -2.18 -21.18
C MET B 440 -23.36 -2.58 -22.11
N ALA B 441 -24.58 -2.51 -21.59
CA ALA B 441 -25.79 -2.73 -22.39
C ALA B 441 -27.01 -2.13 -21.71
N SER B 442 -28.07 -1.95 -22.50
CA SER B 442 -29.34 -1.37 -22.06
C SER B 442 -30.47 -1.66 -23.06
N PRO B 443 -31.67 -1.71 -22.54
CA PRO B 443 -32.91 -1.90 -23.31
C PRO B 443 -33.11 -0.83 -24.35
N VAL B 444 -32.51 0.31 -24.07
CA VAL B 444 -32.71 1.57 -24.72
C VAL B 444 -31.64 1.74 -25.75
N ALA B 445 -32.02 2.36 -26.83
CA ALA B 445 -31.14 2.49 -27.97
C ALA B 445 -30.33 3.75 -27.84
N PRO B 446 -29.13 3.75 -28.37
CA PRO B 446 -28.27 4.91 -28.17
C PRO B 446 -28.96 6.22 -28.54
N GLU B 447 -29.62 6.25 -29.71
CA GLU B 447 -30.23 7.48 -30.21
C GLU B 447 -31.46 7.92 -29.40
N ASP B 448 -31.96 7.04 -28.55
CA ASP B 448 -33.15 7.31 -27.74
C ASP B 448 -32.80 7.71 -26.31
N ILE B 449 -31.50 7.73 -26.02
CA ILE B 449 -30.99 8.07 -24.69
C ILE B 449 -31.12 9.58 -24.45
N ASP B 450 -31.89 9.92 -23.42
CA ASP B 450 -32.05 11.34 -23.01
C ASP B 450 -30.92 11.70 -22.01
N LEU B 451 -30.11 12.69 -22.39
CA LEU B 451 -29.01 13.12 -21.54
C LEU B 451 -29.39 14.27 -20.64
N THR B 452 -30.64 14.71 -20.72
CA THR B 452 -31.04 15.93 -20.03
C THR B 452 -30.86 15.83 -18.53
N PRO B 453 -29.94 16.67 -18.00
CA PRO B 453 -29.68 16.68 -16.56
C PRO B 453 -30.93 17.07 -15.85
N GLN B 454 -31.07 16.58 -14.63
CA GLN B 454 -32.20 16.95 -13.80
C GLN B 454 -32.17 18.41 -13.36
N GLU B 455 -30.97 18.95 -13.08
CA GLU B 455 -30.83 20.36 -12.67
C GLU B 455 -31.79 20.71 -11.51
N CYS B 456 -32.09 19.77 -10.73
CA CYS B 456 -32.93 19.94 -9.60
C CYS B 456 -32.07 20.53 -8.51
N GLY B 457 -32.06 21.86 -8.42
CA GLY B 457 -31.27 22.55 -7.41
C GLY B 457 -30.01 23.18 -7.98
N VAL B 458 -28.98 22.93 -7.17
CA VAL B 458 -27.67 23.49 -7.24
C VAL B 458 -26.79 22.60 -8.06
N GLY B 459 -27.21 21.36 -8.17
CA GLY B 459 -26.45 20.25 -8.71
C GLY B 459 -27.13 19.60 -9.90
N LYS B 460 -26.37 19.29 -10.93
CA LYS B 460 -26.91 18.65 -12.14
C LYS B 460 -26.91 17.16 -11.92
N ILE B 461 -28.06 16.53 -12.15
CA ILE B 461 -28.18 15.12 -11.82
C ILE B 461 -28.70 14.32 -13.01
N PRO B 462 -27.98 13.26 -13.37
CA PRO B 462 -28.38 12.59 -14.57
C PRO B 462 -29.68 11.87 -14.36
N PRO B 463 -30.47 11.71 -15.44
CA PRO B 463 -31.69 10.92 -15.32
C PRO B 463 -31.37 9.48 -14.92
N THR B 464 -32.35 8.78 -14.35
CA THR B 464 -32.11 7.42 -13.88
C THR B 464 -32.21 6.47 -15.05
N TYR B 465 -31.58 5.30 -14.91
CA TYR B 465 -31.44 4.37 -16.03
C TYR B 465 -31.00 2.97 -15.59
N GLN B 466 -31.45 2.01 -16.41
CA GLN B 466 -31.08 0.64 -16.30
C GLN B 466 -29.83 0.45 -17.11
N ILE B 467 -28.91 -0.29 -16.55
CA ILE B 467 -27.72 -0.71 -17.23
C ILE B 467 -27.44 -2.12 -16.76
N ARG B 468 -26.84 -2.93 -17.63
CA ARG B 468 -26.28 -4.20 -17.21
C ARG B 468 -24.85 -4.31 -17.66
N PHE B 469 -24.02 -4.89 -16.81
CA PHE B 469 -22.61 -5.08 -17.11
C PHE B 469 -22.31 -6.51 -17.60
N LEU B 470 -21.50 -6.60 -18.67
CA LEU B 470 -21.28 -7.86 -19.40
C LEU B 470 -19.81 -8.30 -19.39
N PRO B 471 -19.53 -9.51 -18.84
CA PRO B 471 -18.15 -9.97 -18.74
C PRO B 471 -17.56 -10.17 -20.13
N ARG B 472 -16.28 -10.51 -20.21
CA ARG B 472 -15.59 -10.55 -21.49
C ARG B 472 -15.08 -11.95 -21.96
N HIS B 473 -14.96 -12.91 -21.03
CA HIS B 473 -14.63 -14.32 -21.39
C HIS B 473 -15.71 -15.30 -20.90
CHA HEM C . 13.32 -20.53 2.61
CHB HEM C . 17.42 -21.10 4.89
CHC HEM C . 19.19 -17.34 2.73
CHD HEM C . 15.25 -16.97 0.24
C1A HEM C . 14.31 -20.90 3.44
C2A HEM C . 14.08 -21.85 4.47
C3A HEM C . 15.19 -22.01 5.10
C4A HEM C . 16.16 -21.18 4.47
CMA HEM C . 15.41 -22.93 6.28
CAA HEM C . 12.73 -22.53 4.76
CBA HEM C . 12.59 -23.80 3.98
CGA HEM C . 11.67 -24.69 4.71
O1A HEM C . 10.51 -24.36 4.71
O2A HEM C . 12.09 -25.70 5.28
C1B HEM C . 18.19 -20.08 4.48
C2B HEM C . 19.48 -19.83 5.01
C3B HEM C . 19.96 -18.79 4.41
C4B HEM C . 18.98 -18.38 3.49
CMB HEM C . 20.18 -20.64 6.09
CAB HEM C . 21.29 -18.07 4.58
CBB HEM C . 22.37 -18.65 5.10
C1C HEM C . 18.25 -16.98 1.88
C2C HEM C . 18.43 -15.92 0.98
C3C HEM C . 17.36 -15.83 0.31
C4C HEM C . 16.47 -16.84 0.77
CMC HEM C . 19.64 -15.02 0.80
CAC HEM C . 17.08 -14.79 -0.77
CBC HEM C . 16.93 -15.15 -2.03
C1D HEM C . 14.41 -17.88 0.66
C2D HEM C . 13.15 -18.03 0.10
C3D HEM C . 12.53 -19.17 0.83
C4D HEM C . 13.51 -19.55 1.75
CMD HEM C . 12.53 -17.21 -1.02
CAD HEM C . 11.13 -19.75 0.62
CBD HEM C . 11.04 -20.28 -0.78
CGD HEM C . 9.97 -21.27 -0.64
O1D HEM C . 9.56 -21.91 -1.59
O2D HEM C . 9.50 -21.38 0.46
NA HEM C . 15.62 -20.46 3.43
NB HEM C . 17.86 -19.15 3.52
NC HEM C . 17.02 -17.59 1.78
ND HEM C . 14.66 -18.79 1.66
FE HEM C . 16.26 -19.10 2.71
CLAG 06X D . 10.99 -17.43 11.00
CAZ 06X D . 10.49 -15.79 10.78
CAJ 06X D . 9.18 -15.43 11.04
CAH 06X D . 8.78 -14.11 10.86
CAI 06X D . 9.68 -13.17 10.41
CAK 06X D . 10.99 -13.53 10.14
CBA 06X D . 11.39 -14.85 10.32
CBB 06X D . 12.71 -15.21 10.06
CAY 06X D . 13.03 -14.95 8.72
CAV 06X D . 12.05 -14.91 7.73
OAF 06X D . 12.37 -14.68 6.56
OAS 06X D . 10.77 -15.13 8.13
CAL 06X D . 9.87 -14.78 7.08
CAA 06X D . 8.70 -15.78 7.05
CAX 06X D . 13.56 -14.46 10.86
CAU 06X D . 13.10 -13.91 12.05
OAE 06X D . 11.94 -14.09 12.42
OAQ 06X D . 14.02 -13.20 12.74
CAB 06X D . 13.39 -12.54 13.84
CAT 06X D . 14.88 -14.24 10.46
CAC 06X D . 15.79 -13.51 11.19
NAP 06X D . 15.29 -14.79 9.31
CAW 06X D . 14.35 -14.73 8.36
CAO 06X D . 14.77 -14.47 7.07
OAR 06X D . 15.49 -15.60 6.56
CAN 06X D . 14.60 -16.69 6.35
CAM 06X D . 14.39 -16.89 4.85
NAD 06X D . 15.37 -17.85 4.31
CLAG 06X E . 6.88 -15.72 15.35
CAZ 06X E . 6.39 -17.37 15.37
CAJ 06X E . 5.62 -17.87 14.33
CAH 06X E . 5.22 -19.21 14.34
CAI 06X E . 5.60 -20.04 15.39
CAK 06X E . 6.38 -19.53 16.43
CBA 06X E . 6.77 -18.21 16.41
CBB 06X E . 7.55 -17.70 17.46
CAY 06X E . 6.90 -17.89 18.68
CAV 06X E . 5.52 -18.01 18.78
OAF 06X E . 4.99 -18.18 19.88
OAS 06X E . 4.83 -17.93 17.61
CAL 06X E . 3.71 -18.82 17.65
CAA 06X E . 3.56 -19.51 16.30
CAX 06X E . 8.76 -18.37 17.47
CAU 06X E . 9.25 -18.99 16.33
OAE 06X E . 8.62 -18.95 15.27
OAQ 06X E . 10.44 -19.63 16.49
CAB 06X E . 10.57 -20.63 15.47
CAT 06X E . 9.48 -18.45 18.67
CAC 06X E . 10.70 -19.10 18.78
NAP 06X E . 8.99 -17.84 19.75
CAW 06X E . 7.67 -17.97 19.84
CAO 06X E . 7.13 -18.16 21.10
OAR 06X E . 7.67 -17.19 22.00
CAN 06X E . 7.44 -17.60 23.35
CAM 06X E . 7.73 -16.44 24.30
NAD 06X E . 7.17 -16.69 25.63
CHA HEM F . -14.92 22.25 -3.01
CHB HEM F . -15.95 20.45 -7.16
CHC HEM F . -15.12 16.22 -5.32
CHD HEM F . -13.83 18.03 -1.25
C1A HEM F . -15.27 22.08 -4.28
C2A HEM F . -15.62 23.18 -5.11
C3A HEM F . -15.92 22.69 -6.27
C4A HEM F . -15.73 21.28 -6.18
CMA HEM F . -16.37 23.46 -7.51
CAA HEM F . -15.66 24.64 -4.68
CBA HEM F . -14.38 25.34 -5.00
CGA HEM F . -14.67 26.80 -4.90
O1A HEM F . -14.86 27.31 -3.80
O2A HEM F . -14.70 27.45 -5.94
C1B HEM F . -15.81 19.15 -6.91
C2B HEM F . -16.03 18.20 -7.93
C3B HEM F . -15.80 17.06 -7.42
C4B HEM F . -15.44 17.26 -6.07
CMB HEM F . -16.48 18.43 -9.37
CAB HEM F . -15.94 15.73 -8.17
CBB HEM F . -16.62 15.74 -9.31
C1C HEM F . -14.70 16.45 -4.09
C2C HEM F . -14.36 15.37 -3.24
C3C HEM F . -14.01 15.89 -2.13
C4C HEM F . -14.15 17.28 -2.28
CMC HEM F . -14.38 13.90 -3.59
CAC HEM F . -13.54 15.21 -0.85
CBC HEM F . -13.19 13.93 -0.80
C1D HEM F . -14.04 19.32 -1.40
C2D HEM F . -13.73 20.20 -0.36
C3D HEM F . -14.06 21.53 -0.93
C4D HEM F . -14.54 21.25 -2.23
CMD HEM F . -13.17 19.86 1.02
CAD HEM F . -13.95 22.89 -0.27
CBD HEM F . -12.54 23.17 0.16
CGD HEM F . -12.52 24.61 0.39
O1D HEM F . -11.47 25.14 0.72
O2D HEM F . -13.58 25.20 0.23
NA HEM F . -15.34 20.88 -4.93
NB HEM F . -15.42 18.57 -5.71
NC HEM F . -14.58 17.68 -3.52
ND HEM F . -14.53 19.91 -2.55
FE HEM F . -14.85 19.20 -4.19
CLAG 06X G . -23.61 23.62 -3.12
CAZ 06X G . -24.33 22.73 -1.82
CAJ 06X G . -24.94 23.41 -0.78
CAH 06X G . -25.52 22.69 0.27
CAI 06X G . -25.48 21.30 0.25
CAK 06X G . -24.87 20.63 -0.79
CBA 06X G . -24.29 21.34 -1.84
CBB 06X G . -23.68 20.67 -2.88
CAY 06X G . -22.56 19.97 -2.44
CAV 06X G . -21.86 20.36 -1.29
OAF 06X G . -20.88 19.71 -0.92
OAS 06X G . -22.32 21.46 -0.65
CAL 06X G . -21.75 21.52 0.66
CAA 06X G . -21.81 22.96 1.18
CAX 06X G . -24.58 19.76 -3.43
CAU 06X G . -25.94 19.94 -3.26
OAE 06X G . -26.39 20.92 -2.67
OAQ 06X G . -26.73 18.98 -3.83
CAB 06X G . -27.89 19.59 -4.41
CAT 06X G . -24.10 18.63 -4.10
CAC 06X G . -24.93 17.67 -4.66
NAP 06X G . -22.80 18.49 -4.23
CAW 06X G . -22.13 18.85 -3.13
CAO 06X G . -21.03 18.09 -2.77
OAR 06X G . -19.94 18.35 -3.66
CAN 06X G . -19.40 19.64 -3.38
CAM 06X G . -18.05 19.47 -2.68
NAD 06X G . -16.98 19.15 -3.64
CLAG 06X H . -28.79 26.47 -1.26
CAZ 06X H . -28.07 27.88 -1.94
CAJ 06X H . -27.03 28.51 -1.29
CAH 06X H . -26.44 29.65 -1.83
CAI 06X H . -26.91 30.16 -3.04
CAK 06X H . -27.96 29.53 -3.70
CBA 06X H . -28.54 28.40 -3.15
CBB 06X H . -29.59 27.76 -3.81
CAY 06X H . -30.63 28.66 -4.05
CAV 06X H . -30.82 29.79 -3.25
OAF 06X H . -31.86 30.45 -3.35
OAS 06X H . -29.83 30.09 -2.38
CAL 06X H . -29.56 31.49 -2.43
CAA 06X H . -28.25 31.97 -1.82
CAX 06X H . -29.13 27.30 -5.03
CAU 06X H . -27.78 27.03 -5.23
OAE 06X H . -26.97 27.16 -4.32
OAQ 06X H . -27.45 26.63 -6.49
CAB 06X H . -26.07 26.92 -6.73
CAT 06X H . -30.03 27.10 -6.08
CAC 06X H . -29.66 26.63 -7.34
NAP 06X H . -31.32 27.36 -5.86
CAW 06X H . -31.50 28.43 -5.11
CAO 06X H . -32.57 29.26 -5.42
OAR 06X H . -33.55 28.52 -6.15
CAN 06X H . -34.85 29.02 -5.84
CAM 06X H . -35.81 28.68 -6.98
NAD 06X H . -36.96 29.60 -7.00
#